data_4Y7K
#
_entry.id   4Y7K
#
_cell.length_a   87.292
_cell.length_b   140.368
_cell.length_c   182.544
_cell.angle_alpha   90.00
_cell.angle_beta   90.00
_cell.angle_gamma   90.00
#
_symmetry.space_group_name_H-M   'P 21 21 21'
#
_entity_poly.entity_id   1
_entity_poly.type   'polypeptide(L)'
_entity_poly.pdbx_seq_one_letter_code
;MGSSHHHHHHSSGLVPRGSHMGLFSEFKEFLYEYKVIPLAIAFIMGIASTALIKSFVDNIIMPIITPFVPGGGWETATVE
LGPIVISWGAFLGELVNFIIIAFAVFIIAKKVLQEEKVEKTKKVGIVDTTFARVDMASIAIKKLKELSPNIKIIRKTVPG
IKDLPVACKKLLEEEGCDIVMALGMPGKAEKDKVCAHEASLGLMLAQLMTNKHIIEVFVHEDEAKDDKELDWLAKRRAEE
HAENVYYLLFKPEYLTRMAGKGLRQGFEDAGPARE
;
_entity_poly.pdbx_strand_id   A,B,C,D,E
#
# COMPACT_ATOMS: atom_id res chain seq x y z
N LEU A 23 -23.30 -19.21 11.54
CA LEU A 23 -24.12 -18.04 12.02
C LEU A 23 -23.23 -16.83 12.38
N PHE A 24 -22.69 -16.86 13.61
CA PHE A 24 -21.81 -15.82 14.17
C PHE A 24 -20.37 -15.78 13.58
N SER A 25 -19.78 -16.96 13.42
CA SER A 25 -18.42 -17.10 12.94
C SER A 25 -18.04 -16.36 11.65
N GLU A 26 -18.78 -16.57 10.56
CA GLU A 26 -18.47 -15.90 9.29
C GLU A 26 -18.17 -14.44 9.52
N PHE A 27 -19.04 -13.82 10.31
CA PHE A 27 -18.89 -12.42 10.64
C PHE A 27 -17.54 -12.17 11.31
N LYS A 28 -17.21 -12.97 12.34
CA LYS A 28 -15.94 -12.81 13.07
C LYS A 28 -14.72 -12.96 12.18
N GLU A 29 -14.72 -13.99 11.36
CA GLU A 29 -13.60 -14.20 10.45
C GLU A 29 -13.59 -13.06 9.44
N PHE A 30 -14.78 -12.62 9.03
CA PHE A 30 -14.92 -11.52 8.08
C PHE A 30 -14.20 -10.30 8.62
N LEU A 31 -14.48 -9.95 9.86
CA LEU A 31 -13.85 -8.79 10.50
C LEU A 31 -12.34 -8.92 10.54
N TYR A 32 -11.85 -10.12 10.87
CA TYR A 32 -10.42 -10.40 10.96
C TYR A 32 -9.75 -10.14 9.62
N GLU A 33 -10.30 -10.75 8.57
CA GLU A 33 -9.75 -10.60 7.23
C GLU A 33 -9.72 -9.16 6.72
N TYR A 34 -10.80 -8.41 6.90
CA TYR A 34 -10.86 -7.04 6.40
C TYR A 34 -10.52 -5.97 7.43
N LYS A 35 -10.18 -6.40 8.64
CA LYS A 35 -9.83 -5.49 9.71
C LYS A 35 -10.84 -4.33 9.79
N VAL A 36 -12.10 -4.71 9.94
CA VAL A 36 -13.24 -3.78 10.03
C VAL A 36 -13.40 -3.30 11.47
N ILE A 37 -13.16 -4.21 12.42
CA ILE A 37 -13.27 -3.94 13.84
C ILE A 37 -12.70 -2.60 14.35
N PRO A 38 -11.41 -2.32 14.04
CA PRO A 38 -10.83 -1.06 14.52
C PRO A 38 -11.44 0.14 13.78
N LEU A 39 -11.95 -0.10 12.58
CA LEU A 39 -12.58 0.95 11.78
C LEU A 39 -13.81 1.42 12.56
N ALA A 40 -14.61 0.46 13.00
CA ALA A 40 -15.83 0.73 13.74
C ALA A 40 -15.57 1.40 15.08
N ILE A 41 -14.50 1.04 15.78
CA ILE A 41 -14.20 1.65 17.07
C ILE A 41 -14.09 3.15 16.92
N ALA A 42 -13.80 3.60 15.70
CA ALA A 42 -13.70 5.02 15.45
C ALA A 42 -15.07 5.59 15.61
N PHE A 43 -16.06 4.91 15.02
CA PHE A 43 -17.47 5.31 15.10
C PHE A 43 -17.86 5.59 16.53
N ILE A 44 -17.95 4.51 17.30
CA ILE A 44 -18.30 4.57 18.69
C ILE A 44 -17.70 5.82 19.30
N MET A 45 -16.38 5.93 19.26
CA MET A 45 -15.71 7.09 19.86
C MET A 45 -16.21 8.39 19.27
N GLY A 46 -16.41 8.43 17.97
CA GLY A 46 -16.88 9.64 17.33
C GLY A 46 -18.26 9.96 17.86
N ILE A 47 -19.16 9.02 17.72
CA ILE A 47 -20.51 9.20 18.18
C ILE A 47 -20.58 9.54 19.66
N ALA A 48 -20.12 8.61 20.51
CA ALA A 48 -20.13 8.79 21.96
C ALA A 48 -19.50 10.07 22.51
N SER A 49 -18.36 10.48 21.99
CA SER A 49 -17.73 11.69 22.49
C SER A 49 -18.50 12.92 21.98
N THR A 50 -19.13 12.80 20.80
CA THR A 50 -19.91 13.92 20.24
C THR A 50 -21.06 14.22 21.16
N ALA A 51 -21.72 13.16 21.61
CA ALA A 51 -22.87 13.27 22.50
C ALA A 51 -22.48 13.75 23.89
N LEU A 52 -21.48 13.11 24.49
CA LEU A 52 -21.05 13.48 25.82
C LEU A 52 -20.70 14.95 25.84
N ILE A 53 -20.05 15.41 24.77
CA ILE A 53 -19.65 16.81 24.70
C ILE A 53 -20.84 17.78 24.66
N LYS A 54 -21.87 17.47 23.88
CA LYS A 54 -23.04 18.37 23.77
C LYS A 54 -23.92 18.24 25.00
N SER A 55 -24.15 17.01 25.43
CA SER A 55 -24.98 16.77 26.59
C SER A 55 -24.48 17.68 27.69
N PHE A 56 -23.17 17.75 27.87
CA PHE A 56 -22.57 18.60 28.88
C PHE A 56 -22.89 20.07 28.62
N VAL A 57 -22.59 20.50 27.40
CA VAL A 57 -22.82 21.89 27.01
C VAL A 57 -24.27 22.30 27.21
N ASP A 58 -25.18 21.49 26.65
CA ASP A 58 -26.62 21.76 26.72
C ASP A 58 -27.27 21.71 28.10
N ASN A 59 -27.03 20.66 28.86
CA ASN A 59 -27.63 20.55 30.18
C ASN A 59 -26.96 21.37 31.26
N ILE A 60 -25.63 21.50 31.22
CA ILE A 60 -24.92 22.23 32.27
C ILE A 60 -24.32 23.56 31.86
N ILE A 61 -23.58 23.56 30.77
CA ILE A 61 -22.93 24.77 30.31
C ILE A 61 -23.88 25.92 30.02
N MET A 62 -24.82 25.71 29.10
CA MET A 62 -25.77 26.74 28.71
C MET A 62 -26.57 27.42 29.80
N PRO A 63 -27.18 26.63 30.71
CA PRO A 63 -27.94 27.28 31.77
C PRO A 63 -27.05 28.24 32.56
N ILE A 64 -25.80 27.83 32.81
CA ILE A 64 -24.85 28.66 33.53
C ILE A 64 -24.62 29.92 32.72
N ILE A 65 -24.46 29.73 31.43
CA ILE A 65 -24.26 30.83 30.50
C ILE A 65 -25.47 31.76 30.43
N THR A 66 -26.67 31.18 30.48
CA THR A 66 -27.89 31.97 30.36
C THR A 66 -28.81 32.03 31.58
N PRO A 67 -28.49 32.88 32.55
CA PRO A 67 -29.32 32.99 33.73
C PRO A 67 -30.44 33.99 33.43
N PHE A 68 -30.19 34.85 32.46
CA PHE A 68 -31.15 35.86 32.04
C PHE A 68 -32.41 35.22 31.43
N VAL A 69 -32.24 34.13 30.68
CA VAL A 69 -33.39 33.43 30.12
C VAL A 69 -33.98 32.66 31.29
N PRO A 70 -35.30 32.61 31.42
CA PRO A 70 -35.83 31.90 32.58
C PRO A 70 -35.86 30.39 32.44
N GLY A 71 -35.56 29.72 33.54
CA GLY A 71 -35.59 28.27 33.58
C GLY A 71 -34.84 27.52 32.52
N GLY A 72 -33.76 28.09 32.03
CA GLY A 72 -32.99 27.43 31.00
C GLY A 72 -33.77 27.39 29.70
N GLY A 73 -34.48 28.47 29.42
CA GLY A 73 -35.27 28.55 28.21
C GLY A 73 -34.41 28.91 27.01
N TRP A 74 -33.09 28.97 27.22
CA TRP A 74 -32.19 29.33 26.15
C TRP A 74 -32.52 28.57 24.88
N GLU A 75 -32.87 27.29 25.01
CA GLU A 75 -33.21 26.47 23.86
C GLU A 75 -34.23 27.15 22.95
N THR A 76 -35.24 27.75 23.55
CA THR A 76 -36.32 28.43 22.83
C THR A 76 -36.16 29.94 22.82
N ALA A 77 -35.08 30.42 23.44
CA ALA A 77 -34.82 31.84 23.51
C ALA A 77 -35.03 32.41 22.12
N THR A 78 -35.58 33.62 22.04
CA THR A 78 -35.83 34.22 20.73
C THR A 78 -35.90 35.74 20.72
N VAL A 79 -35.52 36.31 19.58
CA VAL A 79 -35.56 37.74 19.36
C VAL A 79 -36.25 38.02 18.03
N GLU A 80 -37.13 39.02 18.03
CA GLU A 80 -37.93 39.35 16.87
C GLU A 80 -37.44 40.63 16.20
N LEU A 81 -37.37 40.60 14.87
CA LEU A 81 -36.96 41.73 14.08
C LEU A 81 -38.14 41.93 13.12
N GLY A 82 -39.06 42.81 13.47
CA GLY A 82 -40.24 43.00 12.64
C GLY A 82 -40.90 41.65 12.64
N PRO A 83 -41.32 41.14 11.45
CA PRO A 83 -41.98 39.83 11.37
C PRO A 83 -40.97 38.66 11.31
N ILE A 84 -39.72 38.95 11.67
CA ILE A 84 -38.66 37.94 11.73
C ILE A 84 -38.46 37.41 13.14
N VAL A 85 -38.39 36.09 13.26
CA VAL A 85 -38.20 35.44 14.54
C VAL A 85 -36.96 34.56 14.50
N ILE A 86 -35.89 35.00 15.16
CA ILE A 86 -34.64 34.24 15.14
C ILE A 86 -34.31 33.57 16.46
N SER A 87 -34.37 32.25 16.43
CA SER A 87 -34.09 31.41 17.58
C SER A 87 -32.59 31.39 17.86
N TRP A 88 -32.08 32.49 18.38
CA TRP A 88 -30.67 32.59 18.66
C TRP A 88 -30.17 31.67 19.76
N GLY A 89 -30.98 31.42 20.74
CA GLY A 89 -30.54 30.56 21.82
C GLY A 89 -30.07 29.22 21.31
N ALA A 90 -30.87 28.62 20.43
CA ALA A 90 -30.54 27.31 19.89
C ALA A 90 -29.19 27.36 19.20
N PHE A 91 -29.03 28.37 18.37
CA PHE A 91 -27.79 28.54 17.65
C PHE A 91 -26.61 28.77 18.61
N LEU A 92 -26.78 29.67 19.56
CA LEU A 92 -25.73 29.96 20.52
C LEU A 92 -25.28 28.69 21.23
N GLY A 93 -26.24 27.82 21.50
CA GLY A 93 -25.94 26.57 22.18
C GLY A 93 -25.10 25.68 21.32
N GLU A 94 -25.31 25.75 20.00
CA GLU A 94 -24.55 24.94 19.07
C GLU A 94 -23.17 25.55 18.86
N LEU A 95 -23.17 26.87 18.68
CA LEU A 95 -21.95 27.64 18.48
C LEU A 95 -20.98 27.39 19.62
N VAL A 96 -21.49 27.36 20.84
CA VAL A 96 -20.64 27.08 22.01
C VAL A 96 -20.33 25.59 22.10
N ASN A 97 -21.16 24.77 21.49
CA ASN A 97 -20.93 23.35 21.51
C ASN A 97 -19.73 23.11 20.63
N PHE A 98 -19.86 23.59 19.40
CA PHE A 98 -18.83 23.51 18.37
C PHE A 98 -17.46 23.99 18.89
N ILE A 99 -17.48 25.11 19.60
CA ILE A 99 -16.28 25.68 20.16
C ILE A 99 -15.65 24.69 21.14
N ILE A 100 -16.48 24.07 21.96
CA ILE A 100 -15.98 23.09 22.92
C ILE A 100 -15.52 21.82 22.24
N ILE A 101 -16.16 21.45 21.14
CA ILE A 101 -15.76 20.25 20.46
C ILE A 101 -14.46 20.51 19.71
N ALA A 102 -14.33 21.73 19.20
CA ALA A 102 -13.15 22.13 18.47
C ALA A 102 -11.90 21.96 19.34
N PHE A 103 -11.86 22.64 20.49
CA PHE A 103 -10.72 22.54 21.38
C PHE A 103 -10.40 21.09 21.71
N ALA A 104 -11.43 20.26 21.79
CA ALA A 104 -11.23 18.86 22.10
C ALA A 104 -10.40 18.22 21.00
N VAL A 105 -10.77 18.50 19.77
CA VAL A 105 -10.05 17.94 18.66
C VAL A 105 -8.71 18.62 18.48
N PHE A 106 -8.63 19.93 18.70
CA PHE A 106 -7.36 20.64 18.57
C PHE A 106 -6.37 20.04 19.56
N ILE A 107 -6.84 19.86 20.78
CA ILE A 107 -6.01 19.33 21.86
C ILE A 107 -5.72 17.85 21.74
N ILE A 108 -6.68 17.09 21.22
CA ILE A 108 -6.45 15.67 21.06
C ILE A 108 -5.39 15.48 19.98
N ALA A 109 -5.35 16.39 19.02
CA ALA A 109 -4.39 16.32 17.92
C ALA A 109 -2.98 16.71 18.37
N LYS A 110 -2.88 17.65 19.29
CA LYS A 110 -1.58 18.10 19.78
C LYS A 110 -0.87 16.98 20.51
N LYS A 111 -1.56 16.33 21.44
CA LYS A 111 -0.96 15.25 22.23
C LYS A 111 -0.57 13.99 21.46
N VAL A 112 -1.16 13.78 20.29
CA VAL A 112 -0.81 12.63 19.50
C VAL A 112 0.44 13.02 18.73
N LEU A 113 0.69 14.33 18.66
CA LEU A 113 1.86 14.88 17.99
C LEU A 113 3.10 14.68 18.86
N GLN A 114 2.95 14.85 20.16
CA GLN A 114 4.06 14.70 21.12
C GLN A 114 4.45 13.26 21.44
N GLU A 115 3.49 12.35 21.31
CA GLU A 115 3.73 10.94 21.57
C GLU A 115 4.66 10.45 20.47
N GLU A 116 4.72 11.24 19.41
CA GLU A 116 5.55 10.94 18.24
C GLU A 116 6.93 11.58 18.27
N LYS A 117 7.02 12.80 18.81
CA LYS A 117 8.27 13.55 18.81
C LYS A 117 9.14 13.50 20.07
N VAL A 118 9.11 12.38 20.79
CA VAL A 118 9.86 12.20 22.04
C VAL A 118 11.38 11.83 21.96
N GLU A 119 11.73 10.78 21.19
CA GLU A 119 13.12 10.30 21.09
C GLU A 119 13.52 9.49 22.34
N LYS A 120 13.30 8.17 22.27
CA LYS A 120 13.47 7.20 23.39
C LYS A 120 14.88 6.75 23.87
N THR A 121 15.84 6.78 22.95
CA THR A 121 17.24 6.38 23.10
C THR A 121 17.37 5.47 21.90
N LYS A 122 18.17 5.90 20.94
CA LYS A 122 18.38 5.15 19.72
C LYS A 122 18.62 3.67 19.99
N LYS A 123 17.97 2.82 19.20
CA LYS A 123 18.10 1.38 19.37
C LYS A 123 18.74 0.73 18.17
N VAL A 124 19.91 0.12 18.39
CA VAL A 124 20.63 -0.53 17.33
C VAL A 124 20.34 -2.00 17.27
N GLY A 125 20.35 -2.57 16.07
CA GLY A 125 20.13 -3.99 15.93
C GLY A 125 21.39 -4.66 15.42
N ILE A 126 21.71 -5.81 15.99
CA ILE A 126 22.89 -6.55 15.56
C ILE A 126 22.51 -7.96 15.14
N VAL A 127 22.81 -8.28 13.89
CA VAL A 127 22.52 -9.58 13.32
C VAL A 127 23.80 -10.26 12.87
N ASP A 128 23.99 -11.49 13.32
CA ASP A 128 25.19 -12.25 12.95
C ASP A 128 24.87 -13.71 12.61
N THR A 129 25.92 -14.47 12.34
CA THR A 129 25.78 -15.85 11.93
C THR A 129 26.46 -16.91 12.77
N THR A 130 25.84 -18.09 12.80
CA THR A 130 26.43 -19.22 13.50
C THR A 130 27.58 -19.62 12.56
N PHE A 131 27.22 -19.73 11.30
CA PHE A 131 28.13 -20.10 10.23
C PHE A 131 29.47 -19.37 10.34
N ALA A 132 29.40 -18.11 10.73
CA ALA A 132 30.60 -17.27 10.86
C ALA A 132 31.67 -17.78 11.84
N ARG A 133 32.90 -17.89 11.35
CA ARG A 133 34.02 -18.36 12.15
C ARG A 133 34.33 -17.48 13.34
N VAL A 134 34.41 -16.16 13.13
CA VAL A 134 34.73 -15.26 14.23
C VAL A 134 33.49 -14.58 14.80
N ASP A 135 33.52 -14.21 16.07
CA ASP A 135 32.38 -13.49 16.62
C ASP A 135 32.67 -11.98 16.70
N MET A 136 32.20 -11.27 15.66
CA MET A 136 32.37 -9.82 15.53
C MET A 136 31.36 -9.09 16.38
N ALA A 137 30.19 -9.70 16.56
CA ALA A 137 29.14 -9.10 17.37
C ALA A 137 29.69 -8.55 18.69
N SER A 138 30.51 -9.37 19.38
CA SER A 138 31.08 -9.02 20.67
C SER A 138 31.72 -7.64 20.65
N ILE A 139 32.80 -7.54 19.89
CA ILE A 139 33.56 -6.30 19.77
C ILE A 139 32.62 -5.15 19.50
N ALA A 140 31.87 -5.29 18.42
CA ALA A 140 30.92 -4.29 17.97
C ALA A 140 30.06 -3.80 19.12
N ILE A 141 29.38 -4.72 19.79
CA ILE A 141 28.51 -4.32 20.87
C ILE A 141 29.28 -3.60 21.96
N LYS A 142 30.48 -4.10 22.26
CA LYS A 142 31.31 -3.47 23.29
C LYS A 142 31.56 -2.03 22.83
N LYS A 143 32.26 -1.90 21.72
CA LYS A 143 32.60 -0.60 21.18
C LYS A 143 31.41 0.36 21.04
N LEU A 144 30.20 -0.17 20.87
CA LEU A 144 29.04 0.71 20.74
C LEU A 144 28.62 1.18 22.11
N LYS A 145 28.62 0.26 23.07
CA LYS A 145 28.22 0.60 24.42
C LYS A 145 29.20 1.64 24.94
N GLU A 146 30.47 1.48 24.57
CA GLU A 146 31.55 2.38 25.00
C GLU A 146 31.28 3.82 24.54
N LEU A 147 31.12 4.01 23.23
CA LEU A 147 30.88 5.32 22.64
C LEU A 147 29.66 6.00 23.23
N SER A 148 28.59 5.23 23.36
CA SER A 148 27.36 5.77 23.90
C SER A 148 26.70 4.72 24.77
N PRO A 149 26.99 4.76 26.07
CA PRO A 149 26.44 3.82 27.05
C PRO A 149 24.90 3.83 27.07
N ASN A 150 24.32 4.84 26.44
CA ASN A 150 22.88 5.01 26.41
C ASN A 150 22.09 4.25 25.33
N ILE A 151 22.79 3.53 24.46
CA ILE A 151 22.10 2.81 23.39
C ILE A 151 21.49 1.49 23.84
N LYS A 152 20.38 1.15 23.21
CA LYS A 152 19.74 -0.11 23.47
C LYS A 152 20.24 -1.02 22.39
N ILE A 153 20.55 -2.26 22.72
CA ILE A 153 21.05 -3.18 21.72
C ILE A 153 20.18 -4.42 21.61
N ILE A 154 19.68 -4.69 20.41
CA ILE A 154 18.92 -5.92 20.17
C ILE A 154 19.85 -6.81 19.36
N ARG A 155 19.96 -8.05 19.77
CA ARG A 155 20.83 -8.98 19.10
C ARG A 155 19.96 -10.16 18.62
N LYS A 156 20.22 -10.69 17.44
CA LYS A 156 19.49 -11.84 16.93
C LYS A 156 20.50 -12.50 16.07
N THR A 157 20.43 -13.82 16.00
CA THR A 157 21.37 -14.51 15.15
C THR A 157 20.69 -15.55 14.27
N VAL A 158 21.16 -15.60 13.04
CA VAL A 158 20.63 -16.55 12.13
C VAL A 158 21.77 -17.44 11.74
N PRO A 159 21.43 -18.59 11.15
CA PRO A 159 22.44 -19.56 10.72
C PRO A 159 23.35 -19.04 9.60
N GLY A 160 22.76 -18.88 8.42
CA GLY A 160 23.52 -18.42 7.28
C GLY A 160 23.39 -16.94 6.91
N ILE A 161 24.32 -16.51 6.06
CA ILE A 161 24.36 -15.14 5.59
C ILE A 161 23.03 -14.87 4.87
N LYS A 162 22.56 -15.88 4.17
CA LYS A 162 21.32 -15.84 3.43
C LYS A 162 20.20 -15.31 4.31
N ASP A 163 20.46 -15.29 5.60
CA ASP A 163 19.43 -14.88 6.51
C ASP A 163 19.48 -13.47 7.05
N LEU A 164 20.61 -12.80 6.87
CA LEU A 164 20.75 -11.44 7.36
C LEU A 164 19.59 -10.51 6.95
N PRO A 165 19.32 -10.40 5.62
CA PRO A 165 18.25 -9.52 5.10
C PRO A 165 17.00 -9.57 5.89
N VAL A 166 16.22 -10.64 5.73
CA VAL A 166 14.94 -10.76 6.44
C VAL A 166 15.12 -10.34 7.87
N ALA A 167 16.19 -10.88 8.47
CA ALA A 167 16.59 -10.62 9.85
C ALA A 167 16.65 -9.12 10.16
N CYS A 168 17.50 -8.41 9.43
CA CYS A 168 17.63 -6.99 9.62
C CYS A 168 16.30 -6.27 9.42
N LYS A 169 15.68 -6.48 8.26
CA LYS A 169 14.40 -5.83 7.93
C LYS A 169 13.40 -5.98 9.04
N LYS A 170 13.47 -7.11 9.75
CA LYS A 170 12.55 -7.36 10.85
C LYS A 170 12.81 -6.47 12.06
N LEU A 171 14.07 -6.40 12.47
CA LEU A 171 14.46 -5.58 13.59
C LEU A 171 14.12 -4.15 13.28
N LEU A 172 14.38 -3.75 12.05
CA LEU A 172 14.11 -2.39 11.63
C LEU A 172 12.65 -2.06 11.75
N GLU A 173 11.77 -2.91 11.21
CA GLU A 173 10.32 -2.66 11.26
C GLU A 173 9.65 -3.16 12.54
N GLU A 174 9.74 -4.46 12.77
CA GLU A 174 9.13 -5.06 13.94
C GLU A 174 9.81 -4.74 15.28
N GLU A 175 11.12 -4.54 15.28
CA GLU A 175 11.81 -4.26 16.55
C GLU A 175 12.22 -2.82 16.80
N GLY A 176 11.63 -1.88 16.07
CA GLY A 176 11.95 -0.47 16.24
C GLY A 176 13.42 -0.05 16.25
N CYS A 177 14.30 -0.81 15.62
CA CYS A 177 15.70 -0.41 15.61
C CYS A 177 15.83 0.77 14.69
N ASP A 178 16.79 1.65 15.00
CA ASP A 178 17.03 2.84 14.19
C ASP A 178 18.06 2.56 13.14
N ILE A 179 18.90 1.58 13.42
CA ILE A 179 19.90 1.21 12.48
C ILE A 179 20.26 -0.22 12.81
N VAL A 180 20.86 -0.93 11.89
CA VAL A 180 21.22 -2.30 12.16
C VAL A 180 22.56 -2.61 11.57
N MET A 181 23.27 -3.54 12.26
CA MET A 181 24.58 -4.01 11.77
C MET A 181 24.40 -5.46 11.40
N ALA A 182 24.91 -5.81 10.22
CA ALA A 182 24.78 -7.18 9.75
C ALA A 182 26.18 -7.68 9.64
N LEU A 183 26.52 -8.62 10.51
CA LEU A 183 27.86 -9.19 10.57
C LEU A 183 27.90 -10.55 9.89
N GLY A 184 28.75 -10.65 8.87
CA GLY A 184 28.87 -11.88 8.11
C GLY A 184 30.25 -12.28 7.64
N MET A 185 30.41 -13.59 7.49
CA MET A 185 31.69 -14.21 7.07
C MET A 185 31.47 -15.10 5.85
N PRO A 186 31.32 -14.48 4.66
CA PRO A 186 31.11 -15.31 3.48
C PRO A 186 32.32 -16.21 3.32
N GLY A 187 32.08 -17.42 2.83
CA GLY A 187 33.16 -18.39 2.62
C GLY A 187 34.21 -18.03 1.57
N LYS A 188 35.15 -18.95 1.36
CA LYS A 188 36.23 -18.76 0.42
C LYS A 188 35.82 -19.30 -0.96
N ALA A 189 34.93 -20.30 -0.96
CA ALA A 189 34.44 -20.94 -2.19
C ALA A 189 33.71 -19.93 -3.07
N GLU A 190 33.69 -20.14 -4.38
CA GLU A 190 32.97 -19.23 -5.28
C GLU A 190 31.46 -19.46 -5.14
N LYS A 191 31.11 -20.57 -4.52
CA LYS A 191 29.72 -20.89 -4.24
C LYS A 191 29.30 -19.92 -3.15
N ASP A 192 30.24 -19.64 -2.23
CA ASP A 192 30.04 -18.70 -1.12
C ASP A 192 29.94 -17.25 -1.61
N LYS A 193 30.80 -16.88 -2.55
CA LYS A 193 30.83 -15.53 -3.13
C LYS A 193 29.48 -15.07 -3.73
N VAL A 194 28.79 -15.96 -4.42
CA VAL A 194 27.48 -15.63 -5.01
C VAL A 194 26.44 -15.39 -3.94
N CYS A 195 26.49 -16.20 -2.90
CA CYS A 195 25.55 -16.06 -1.80
C CYS A 195 25.81 -14.77 -1.04
N ALA A 196 27.08 -14.37 -0.96
CA ALA A 196 27.47 -13.15 -0.29
C ALA A 196 26.92 -11.92 -1.02
N HIS A 197 27.13 -11.87 -2.34
CA HIS A 197 26.63 -10.76 -3.17
C HIS A 197 25.12 -10.67 -3.04
N GLU A 198 24.45 -11.77 -3.36
CA GLU A 198 23.01 -11.89 -3.30
C GLU A 198 22.49 -11.46 -1.96
N ALA A 199 23.25 -11.78 -0.93
CA ALA A 199 22.90 -11.41 0.43
C ALA A 199 22.96 -9.91 0.54
N SER A 200 24.14 -9.40 0.21
CA SER A 200 24.38 -7.98 0.27
C SER A 200 23.23 -7.24 -0.39
N LEU A 201 22.88 -7.68 -1.58
CA LEU A 201 21.79 -7.08 -2.35
C LEU A 201 20.45 -7.09 -1.64
N GLY A 202 20.21 -8.10 -0.82
CA GLY A 202 18.96 -8.18 -0.10
C GLY A 202 18.92 -7.06 0.92
N LEU A 203 20.08 -6.83 1.53
CA LEU A 203 20.27 -5.78 2.51
C LEU A 203 19.95 -4.44 1.85
N MET A 204 20.35 -4.29 0.59
CA MET A 204 20.08 -3.09 -0.19
C MET A 204 18.60 -2.80 -0.14
N LEU A 205 17.82 -3.75 -0.63
CA LEU A 205 16.37 -3.63 -0.67
C LEU A 205 15.84 -3.35 0.69
N ALA A 206 16.31 -4.13 1.65
CA ALA A 206 15.89 -3.97 3.02
C ALA A 206 15.93 -2.47 3.44
N GLN A 207 17.11 -1.89 3.31
CA GLN A 207 17.29 -0.52 3.67
C GLN A 207 16.32 0.36 2.92
N LEU A 208 16.26 0.21 1.60
CA LEU A 208 15.35 1.02 0.78
C LEU A 208 13.88 0.89 1.14
N MET A 209 13.47 -0.30 1.52
CA MET A 209 12.09 -0.50 1.89
C MET A 209 11.83 0.17 3.21
N THR A 210 12.84 0.20 4.08
CA THR A 210 12.67 0.76 5.42
C THR A 210 13.09 2.22 5.63
N ASN A 211 13.91 2.74 4.75
CA ASN A 211 14.40 4.09 4.93
C ASN A 211 15.26 4.16 6.20
N LYS A 212 16.01 3.11 6.45
CA LYS A 212 16.90 3.05 7.60
C LYS A 212 18.19 2.38 7.15
N HIS A 213 19.31 2.65 7.82
CA HIS A 213 20.54 2.04 7.41
C HIS A 213 20.80 0.68 8.04
N ILE A 214 21.47 -0.19 7.32
CA ILE A 214 21.86 -1.51 7.81
C ILE A 214 23.34 -1.50 7.52
N ILE A 215 24.19 -1.29 8.51
CA ILE A 215 25.60 -1.28 8.16
C ILE A 215 26.14 -2.68 7.97
N GLU A 216 26.50 -2.95 6.73
CA GLU A 216 27.01 -4.25 6.34
C GLU A 216 28.48 -4.31 6.64
N VAL A 217 28.86 -5.45 7.20
CA VAL A 217 30.26 -5.75 7.60
C VAL A 217 30.50 -7.22 7.33
N PHE A 218 30.96 -7.47 6.11
CA PHE A 218 31.27 -8.81 5.64
C PHE A 218 32.79 -8.99 5.53
N VAL A 219 33.26 -10.12 6.07
CA VAL A 219 34.68 -10.47 6.06
C VAL A 219 34.86 -11.86 5.44
N HIS A 220 35.35 -11.87 4.21
CA HIS A 220 35.59 -13.13 3.50
C HIS A 220 36.79 -13.85 4.14
N GLU A 221 36.63 -15.15 4.39
CA GLU A 221 37.70 -15.94 4.99
C GLU A 221 39.02 -15.76 4.24
N ASP A 222 38.91 -15.62 2.92
CA ASP A 222 40.06 -15.46 2.05
C ASP A 222 40.76 -14.10 2.09
N GLU A 223 40.14 -13.11 2.71
CA GLU A 223 40.75 -11.78 2.80
C GLU A 223 42.02 -11.85 3.66
N ALA A 224 42.00 -12.77 4.63
CA ALA A 224 43.13 -13.00 5.54
C ALA A 224 43.75 -14.38 5.29
N LYS A 225 45.07 -14.46 5.37
CA LYS A 225 45.84 -15.69 5.12
C LYS A 225 45.70 -16.85 6.12
N ASP A 226 45.53 -16.55 7.41
CA ASP A 226 45.42 -17.60 8.42
C ASP A 226 44.37 -17.27 9.48
N ASP A 227 44.17 -18.19 10.42
CA ASP A 227 43.21 -17.97 11.50
C ASP A 227 43.56 -16.81 12.43
N LYS A 228 44.85 -16.59 12.67
CA LYS A 228 45.32 -15.50 13.53
C LYS A 228 44.91 -14.15 12.91
N GLU A 229 45.13 -14.00 11.61
CA GLU A 229 44.75 -12.77 10.91
C GLU A 229 43.24 -12.68 10.76
N LEU A 230 42.62 -13.77 10.29
CA LEU A 230 41.17 -13.79 10.11
C LEU A 230 40.51 -13.26 11.35
N ASP A 231 40.89 -13.81 12.49
CA ASP A 231 40.30 -13.35 13.74
C ASP A 231 40.65 -11.90 14.08
N TRP A 232 41.89 -11.50 13.82
CA TRP A 232 42.28 -10.13 14.13
C TRP A 232 41.54 -9.16 13.22
N LEU A 233 41.65 -9.40 11.91
CA LEU A 233 41.02 -8.55 10.90
C LEU A 233 39.49 -8.33 11.09
N ALA A 234 38.74 -9.42 11.23
CA ALA A 234 37.29 -9.32 11.44
C ALA A 234 36.94 -8.42 12.61
N LYS A 235 37.65 -8.63 13.73
CA LYS A 235 37.43 -7.87 14.95
C LYS A 235 37.75 -6.38 14.78
N ARG A 236 38.82 -6.04 14.05
CA ARG A 236 39.16 -4.64 13.83
C ARG A 236 38.05 -3.93 13.01
N ARG A 237 37.65 -4.55 11.91
CA ARG A 237 36.60 -3.98 11.06
C ARG A 237 35.32 -3.78 11.84
N ALA A 238 34.86 -4.85 12.50
CA ALA A 238 33.64 -4.82 13.30
C ALA A 238 33.66 -3.57 14.19
N GLU A 239 34.83 -3.31 14.77
CA GLU A 239 35.03 -2.18 15.64
C GLU A 239 34.83 -0.92 14.81
N GLU A 240 35.57 -0.84 13.74
CA GLU A 240 35.51 0.31 12.85
C GLU A 240 34.09 0.68 12.39
N HIS A 241 33.32 -0.34 11.99
CA HIS A 241 31.95 -0.09 11.55
C HIS A 241 31.08 0.31 12.72
N ALA A 242 31.31 -0.32 13.87
CA ALA A 242 30.51 0.03 15.00
C ALA A 242 30.67 1.52 15.28
N GLU A 243 31.82 2.08 14.94
CA GLU A 243 32.09 3.50 15.16
C GLU A 243 31.19 4.34 14.26
N ASN A 244 31.03 3.89 13.03
CA ASN A 244 30.20 4.56 12.06
C ASN A 244 28.74 4.54 12.51
N VAL A 245 28.29 3.40 13.00
CA VAL A 245 26.92 3.29 13.49
C VAL A 245 26.74 4.42 14.48
N TYR A 246 27.77 4.65 15.29
CA TYR A 246 27.74 5.71 16.28
C TYR A 246 27.60 7.03 15.60
N TYR A 247 28.50 7.29 14.67
CA TYR A 247 28.49 8.55 13.94
C TYR A 247 27.22 8.84 13.19
N LEU A 248 26.86 7.97 12.27
CA LEU A 248 25.65 8.15 11.47
C LEU A 248 24.52 8.44 12.40
N LEU A 249 24.55 7.74 13.53
CA LEU A 249 23.51 7.81 14.51
C LEU A 249 23.50 9.04 15.44
N PHE A 250 24.66 9.53 15.86
CA PHE A 250 24.71 10.65 16.79
C PHE A 250 25.39 11.91 16.34
N LYS A 251 26.58 11.78 15.76
CA LYS A 251 27.27 12.97 15.35
C LYS A 251 27.50 12.90 13.86
N PRO A 252 26.42 13.07 13.07
CA PRO A 252 26.46 13.04 11.63
C PRO A 252 27.17 14.27 11.07
N GLU A 253 27.22 15.33 11.86
CA GLU A 253 27.92 16.53 11.43
C GLU A 253 29.38 16.13 11.12
N TYR A 254 29.93 15.35 12.05
CA TYR A 254 31.28 14.84 11.98
C TYR A 254 31.58 14.25 10.62
N LEU A 255 30.77 13.30 10.19
CA LEU A 255 31.01 12.67 8.92
C LEU A 255 31.19 13.66 7.80
N THR A 256 30.37 14.70 7.75
CA THR A 256 30.48 15.67 6.65
C THR A 256 31.81 16.39 6.71
N ARG A 257 32.35 16.53 7.92
CA ARG A 257 33.65 17.18 8.10
C ARG A 257 34.71 16.28 7.52
N MET A 258 34.44 15.00 7.56
CA MET A 258 35.36 14.02 7.02
C MET A 258 34.99 13.72 5.58
N ALA A 259 34.04 14.46 5.03
CA ALA A 259 33.62 14.24 3.66
C ALA A 259 34.73 14.40 2.67
N GLY A 260 34.85 13.42 1.80
CA GLY A 260 35.85 13.48 0.77
C GLY A 260 37.24 13.65 1.31
N LYS A 261 37.48 13.10 2.50
CA LYS A 261 38.79 13.15 3.15
C LYS A 261 39.51 11.81 3.06
N GLY A 262 39.00 10.98 2.19
CA GLY A 262 39.62 9.68 1.95
C GLY A 262 39.89 8.72 3.09
N LEU A 263 38.97 8.54 4.01
CA LEU A 263 39.13 7.57 5.08
C LEU A 263 39.10 6.19 4.45
N ARG A 264 39.20 5.14 5.25
CA ARG A 264 39.15 3.76 4.76
C ARG A 264 39.10 2.82 5.94
N GLN A 265 38.96 1.52 5.67
CA GLN A 265 38.93 0.48 6.70
C GLN A 265 40.35 0.00 7.06
N GLY A 266 40.87 0.44 8.20
CA GLY A 266 42.20 0.00 8.63
C GLY A 266 43.36 0.38 7.75
N PHE A 267 44.55 0.31 8.34
CA PHE A 267 45.79 0.67 7.67
C PHE A 267 45.64 2.06 7.04
N GLU A 268 46.49 2.35 6.06
CA GLU A 268 46.48 3.64 5.36
C GLU A 268 45.08 4.12 4.81
N ASP A 269 44.96 5.43 4.54
CA ASP A 269 43.74 6.06 4.04
C ASP A 269 43.97 6.85 2.71
N ALA A 270 43.86 8.19 2.76
CA ALA A 270 44.08 9.11 1.60
C ALA A 270 43.38 10.52 1.64
N GLY A 271 43.89 11.44 0.83
CA GLY A 271 43.34 12.78 0.75
C GLY A 271 43.54 13.25 -0.71
N PRO A 272 43.79 14.57 -0.94
CA PRO A 272 43.85 15.38 -2.22
C PRO A 272 44.71 14.85 -3.37
N LEU B 23 -9.28 -2.40 31.18
CA LEU B 23 -8.55 -1.23 31.76
C LEU B 23 -8.39 -0.16 30.70
N PHE B 24 -7.68 0.91 31.05
CA PHE B 24 -7.46 2.00 30.13
C PHE B 24 -6.34 1.75 29.12
N SER B 25 -5.21 1.22 29.61
CA SER B 25 -4.03 1.00 28.79
C SER B 25 -4.22 0.23 27.48
N GLU B 26 -4.76 -1.00 27.55
CA GLU B 26 -4.97 -1.81 26.34
C GLU B 26 -5.54 -0.96 25.21
N PHE B 27 -6.54 -0.17 25.56
CA PHE B 27 -7.19 0.72 24.60
C PHE B 27 -6.16 1.67 24.01
N LYS B 28 -5.39 2.33 24.88
CA LYS B 28 -4.40 3.28 24.42
C LYS B 28 -3.39 2.65 23.47
N GLU B 29 -2.83 1.52 23.87
CA GLU B 29 -1.86 0.84 23.03
C GLU B 29 -2.57 0.41 21.76
N PHE B 30 -3.81 -0.03 21.89
CA PHE B 30 -4.62 -0.48 20.77
C PHE B 30 -4.67 0.64 19.72
N LEU B 31 -5.01 1.85 20.16
CA LEU B 31 -5.10 3.00 19.27
C LEU B 31 -3.78 3.27 18.58
N TYR B 32 -2.69 3.16 19.35
CA TYR B 32 -1.36 3.39 18.82
C TYR B 32 -1.06 2.43 17.71
N GLU B 33 -1.26 1.14 17.98
CA GLU B 33 -0.98 0.11 17.00
C GLU B 33 -1.78 0.20 15.72
N TYR B 34 -3.08 0.48 15.82
CA TYR B 34 -3.92 0.56 14.62
C TYR B 34 -4.18 1.96 14.10
N LYS B 35 -3.59 2.95 14.76
CA LYS B 35 -3.75 4.36 14.38
C LYS B 35 -5.23 4.68 14.08
N VAL B 36 -6.05 4.41 15.08
CA VAL B 36 -7.49 4.60 15.01
C VAL B 36 -7.85 6.05 15.34
N ILE B 37 -7.11 6.60 16.29
CA ILE B 37 -7.32 7.96 16.76
C ILE B 37 -7.57 9.02 15.69
N PRO B 38 -6.69 9.11 14.69
CA PRO B 38 -6.89 10.12 13.66
C PRO B 38 -8.11 9.81 12.77
N LEU B 39 -8.42 8.53 12.67
CA LEU B 39 -9.55 8.07 11.89
C LEU B 39 -10.80 8.71 12.50
N ALA B 40 -10.90 8.57 13.81
CA ALA B 40 -12.03 9.08 14.55
C ALA B 40 -12.15 10.59 14.48
N ILE B 41 -11.03 11.30 14.45
CA ILE B 41 -11.09 12.76 14.38
C ILE B 41 -11.85 13.19 13.14
N ALA B 42 -11.93 12.30 12.16
CA ALA B 42 -12.66 12.63 10.94
C ALA B 42 -14.12 12.72 11.32
N PHE B 43 -14.55 11.74 12.10
CA PHE B 43 -15.94 11.68 12.56
C PHE B 43 -16.34 13.00 13.19
N ILE B 44 -15.77 13.26 14.36
CA ILE B 44 -16.03 14.47 15.09
C ILE B 44 -16.21 15.63 14.15
N MET B 45 -15.22 15.90 13.32
CA MET B 45 -15.31 17.01 12.37
C MET B 45 -16.51 16.87 11.43
N GLY B 46 -16.71 15.67 10.92
CA GLY B 46 -17.83 15.45 10.02
C GLY B 46 -19.11 15.80 10.73
N ILE B 47 -19.35 15.11 11.84
CA ILE B 47 -20.53 15.33 12.64
C ILE B 47 -20.70 16.78 13.07
N ALA B 48 -19.75 17.28 13.85
CA ALA B 48 -19.80 18.64 14.38
C ALA B 48 -20.00 19.75 13.36
N SER B 49 -19.32 19.66 12.22
CA SER B 49 -19.49 20.69 11.22
C SER B 49 -20.86 20.57 10.54
N THR B 50 -21.35 19.34 10.44
CA THR B 50 -22.66 19.11 9.82
C THR B 50 -23.70 19.83 10.62
N ALA B 51 -23.64 19.63 11.92
CA ALA B 51 -24.58 20.24 12.82
C ALA B 51 -24.47 21.77 12.87
N LEU B 52 -23.26 22.29 13.05
CA LEU B 52 -23.07 23.74 13.12
C LEU B 52 -23.63 24.41 11.88
N ILE B 53 -23.46 23.77 10.75
CA ILE B 53 -23.91 24.33 9.50
C ILE B 53 -25.44 24.44 9.42
N LYS B 54 -26.13 23.37 9.82
CA LYS B 54 -27.59 23.38 9.77
C LYS B 54 -28.19 24.22 10.87
N SER B 55 -27.66 24.09 12.08
CA SER B 55 -28.16 24.87 13.21
C SER B 55 -28.19 26.32 12.78
N PHE B 56 -27.16 26.77 12.07
CA PHE B 56 -27.11 28.14 11.59
C PHE B 56 -28.25 28.39 10.60
N VAL B 57 -28.30 27.57 9.56
CA VAL B 57 -29.32 27.70 8.52
C VAL B 57 -30.74 27.73 9.07
N ASP B 58 -31.06 26.72 9.87
CA ASP B 58 -32.39 26.60 10.45
C ASP B 58 -32.82 27.69 11.42
N ASN B 59 -31.99 27.98 12.42
CA ASN B 59 -32.36 28.98 13.40
C ASN B 59 -32.21 30.43 12.96
N ILE B 60 -31.22 30.73 12.11
CA ILE B 60 -31.01 32.12 11.70
C ILE B 60 -31.31 32.41 10.24
N ILE B 61 -30.74 31.60 9.37
CA ILE B 61 -30.92 31.80 7.94
C ILE B 61 -32.39 31.79 7.50
N MET B 62 -33.05 30.65 7.67
CA MET B 62 -34.45 30.50 7.27
C MET B 62 -35.43 31.60 7.71
N PRO B 63 -35.45 31.94 9.02
CA PRO B 63 -36.37 32.99 9.45
C PRO B 63 -36.16 34.28 8.65
N ILE B 64 -34.89 34.59 8.38
CA ILE B 64 -34.55 35.76 7.62
C ILE B 64 -35.14 35.61 6.24
N ILE B 65 -34.99 34.40 5.70
CA ILE B 65 -35.52 34.08 4.37
C ILE B 65 -37.04 34.13 4.32
N THR B 66 -37.67 33.69 5.40
CA THR B 66 -39.12 33.64 5.45
C THR B 66 -39.81 34.54 6.47
N PRO B 67 -40.04 35.81 6.12
CA PRO B 67 -40.72 36.72 7.03
C PRO B 67 -42.22 36.59 6.80
N PHE B 68 -42.58 36.15 5.60
CA PHE B 68 -43.96 35.94 5.18
C PHE B 68 -44.64 34.86 6.00
N VAL B 69 -43.92 33.79 6.35
CA VAL B 69 -44.48 32.76 7.21
C VAL B 69 -44.45 33.38 8.60
N PRO B 70 -45.47 33.12 9.42
CA PRO B 70 -45.46 33.73 10.75
C PRO B 70 -44.61 33.00 11.80
N GLY B 71 -43.88 33.78 12.59
CA GLY B 71 -43.07 33.24 13.68
C GLY B 71 -42.09 32.13 13.37
N GLY B 72 -41.54 32.15 12.17
CA GLY B 72 -40.61 31.11 11.77
C GLY B 72 -41.30 29.78 11.55
N GLY B 73 -42.52 29.84 11.01
CA GLY B 73 -43.27 28.63 10.79
C GLY B 73 -42.83 27.92 9.52
N TRP B 74 -41.77 28.42 8.92
CA TRP B 74 -41.28 27.83 7.69
C TRP B 74 -41.15 26.32 7.82
N GLU B 75 -40.75 25.85 9.01
CA GLU B 75 -40.60 24.43 9.24
C GLU B 75 -41.87 23.68 8.83
N THR B 76 -43.01 24.26 9.17
CA THR B 76 -44.28 23.64 8.86
C THR B 76 -45.01 24.28 7.70
N ALA B 77 -44.36 25.27 7.09
CA ALA B 77 -44.96 25.96 5.94
C ALA B 77 -45.49 24.92 4.96
N THR B 78 -46.61 25.21 4.33
CA THR B 78 -47.20 24.27 3.40
C THR B 78 -48.10 24.87 2.35
N VAL B 79 -48.21 24.17 1.24
CA VAL B 79 -49.07 24.58 0.14
C VAL B 79 -49.83 23.34 -0.33
N GLU B 80 -51.12 23.54 -0.62
CA GLU B 80 -51.96 22.45 -1.09
C GLU B 80 -52.18 22.51 -2.59
N LEU B 81 -52.24 21.32 -3.17
CA LEU B 81 -52.55 21.14 -4.58
C LEU B 81 -53.65 20.09 -4.58
N GLY B 82 -54.90 20.55 -4.59
CA GLY B 82 -56.02 19.64 -4.50
C GLY B 82 -55.87 18.93 -3.16
N PRO B 83 -56.02 17.60 -3.13
CA PRO B 83 -55.87 16.86 -1.86
C PRO B 83 -54.40 16.56 -1.52
N ILE B 84 -53.49 17.27 -2.21
CA ILE B 84 -52.04 17.14 -2.00
C ILE B 84 -51.51 18.22 -1.07
N VAL B 85 -50.75 17.81 -0.07
CA VAL B 85 -50.18 18.74 0.90
C VAL B 85 -48.67 18.60 0.89
N ILE B 86 -47.99 19.61 0.37
CA ILE B 86 -46.53 19.56 0.28
C ILE B 86 -45.82 20.54 1.23
N SER B 87 -45.12 19.96 2.21
CA SER B 87 -44.36 20.71 3.20
C SER B 87 -43.11 21.25 2.55
N TRP B 88 -43.29 22.30 1.75
CA TRP B 88 -42.19 22.89 1.06
C TRP B 88 -41.21 23.59 1.99
N GLY B 89 -41.70 24.16 3.07
CA GLY B 89 -40.82 24.86 3.99
C GLY B 89 -39.67 23.98 4.49
N ALA B 90 -40.01 22.77 4.91
CA ALA B 90 -39.02 21.84 5.41
C ALA B 90 -37.99 21.55 4.35
N PHE B 91 -38.47 21.23 3.15
CA PHE B 91 -37.58 20.93 2.05
C PHE B 91 -36.71 22.13 1.70
N LEU B 92 -37.31 23.31 1.59
CA LEU B 92 -36.56 24.52 1.27
C LEU B 92 -35.44 24.74 2.28
N GLY B 93 -35.72 24.44 3.55
CA GLY B 93 -34.71 24.60 4.59
C GLY B 93 -33.53 23.65 4.41
N GLU B 94 -33.80 22.46 3.88
CA GLU B 94 -32.76 21.45 3.64
C GLU B 94 -32.00 21.82 2.39
N LEU B 95 -32.77 22.21 1.36
CA LEU B 95 -32.21 22.61 0.08
C LEU B 95 -31.17 23.70 0.34
N VAL B 96 -31.56 24.71 1.09
CA VAL B 96 -30.65 25.81 1.40
C VAL B 96 -29.57 25.37 2.35
N ASN B 97 -29.82 24.31 3.11
CA ASN B 97 -28.81 23.80 4.02
C ASN B 97 -27.74 23.15 3.18
N PHE B 98 -28.19 22.21 2.36
CA PHE B 98 -27.33 21.46 1.45
C PHE B 98 -26.44 22.36 0.61
N ILE B 99 -27.01 23.47 0.16
CA ILE B 99 -26.31 24.48 -0.64
C ILE B 99 -25.18 25.09 0.19
N ILE B 100 -25.47 25.42 1.44
CA ILE B 100 -24.45 26.00 2.28
C ILE B 100 -23.40 24.98 2.67
N ILE B 101 -23.79 23.71 2.78
CA ILE B 101 -22.82 22.68 3.15
C ILE B 101 -21.94 22.39 1.95
N ALA B 102 -22.56 22.41 0.77
CA ALA B 102 -21.84 22.15 -0.45
C ALA B 102 -20.68 23.15 -0.58
N PHE B 103 -20.99 24.43 -0.58
CA PHE B 103 -19.95 25.45 -0.69
C PHE B 103 -18.87 25.26 0.35
N ALA B 104 -19.24 24.78 1.52
CA ALA B 104 -18.26 24.54 2.59
C ALA B 104 -17.26 23.48 2.15
N VAL B 105 -17.76 22.39 1.57
CA VAL B 105 -16.89 21.33 1.11
C VAL B 105 -16.15 21.73 -0.17
N PHE B 106 -16.82 22.46 -1.07
CA PHE B 106 -16.16 22.89 -2.31
C PHE B 106 -14.96 23.74 -1.88
N ILE B 107 -15.23 24.74 -1.05
CA ILE B 107 -14.21 25.63 -0.59
C ILE B 107 -13.15 24.97 0.27
N ILE B 108 -13.54 24.03 1.10
CA ILE B 108 -12.57 23.35 1.95
C ILE B 108 -11.64 22.54 1.06
N ALA B 109 -12.19 22.03 -0.05
CA ALA B 109 -11.40 21.23 -0.97
C ALA B 109 -10.43 22.10 -1.76
N LYS B 110 -10.82 23.35 -2.01
CA LYS B 110 -9.99 24.28 -2.76
C LYS B 110 -8.75 24.63 -1.95
N LYS B 111 -8.92 25.03 -0.69
CA LYS B 111 -7.80 25.42 0.16
C LYS B 111 -6.80 24.33 0.52
N VAL B 112 -7.21 23.07 0.39
CA VAL B 112 -6.30 21.94 0.65
C VAL B 112 -5.50 21.72 -0.63
N LEU B 113 -6.01 22.30 -1.72
CA LEU B 113 -5.38 22.21 -3.03
C LEU B 113 -4.19 23.17 -3.10
N GLN B 114 -4.37 24.37 -2.55
CA GLN B 114 -3.31 25.38 -2.53
C GLN B 114 -2.19 25.09 -1.53
N GLU B 115 -2.46 24.21 -0.56
CA GLU B 115 -1.48 23.78 0.46
C GLU B 115 -0.77 22.56 -0.10
N GLU B 116 -1.52 21.89 -0.98
CA GLU B 116 -1.10 20.66 -1.63
C GLU B 116 -0.16 20.86 -2.81
N LYS B 117 -0.36 21.95 -3.55
CA LYS B 117 0.49 22.25 -4.69
C LYS B 117 0.90 23.71 -4.71
N VAL B 118 1.69 24.06 -3.69
CA VAL B 118 2.25 25.37 -3.55
C VAL B 118 3.74 25.06 -3.68
N GLU B 119 4.44 25.78 -4.54
CA GLU B 119 5.84 25.47 -4.78
C GLU B 119 6.76 26.60 -4.35
N LYS B 120 7.76 26.29 -3.51
CA LYS B 120 8.62 27.32 -2.96
C LYS B 120 9.87 27.50 -3.80
CA THR B 121 12.28 27.13 -3.90
C THR B 121 12.73 25.68 -3.94
N LYS B 122 13.03 25.19 -5.13
CA LYS B 122 13.49 23.83 -5.29
C LYS B 122 14.62 23.51 -4.31
N LYS B 123 14.57 22.33 -3.69
CA LYS B 123 15.58 21.90 -2.71
C LYS B 123 16.37 20.66 -3.16
N VAL B 124 17.68 20.82 -3.35
CA VAL B 124 18.51 19.73 -3.81
C VAL B 124 19.18 19.01 -2.66
N GLY B 125 19.38 17.71 -2.78
CA GLY B 125 20.05 16.98 -1.72
C GLY B 125 21.39 16.51 -2.21
N ILE B 126 22.43 16.60 -1.38
CA ILE B 126 23.76 16.14 -1.78
C ILE B 126 24.29 15.09 -0.80
N VAL B 127 24.58 13.91 -1.31
CA VAL B 127 25.07 12.80 -0.50
C VAL B 127 26.44 12.38 -0.97
N ASP B 128 27.41 12.32 -0.05
CA ASP B 128 28.79 11.94 -0.38
C ASP B 128 29.38 10.95 0.61
N THR B 129 30.66 10.64 0.45
CA THR B 129 31.28 9.66 1.31
C THR B 129 32.51 10.12 2.06
N THR B 130 32.83 9.44 3.15
CA THR B 130 34.05 9.71 3.90
C THR B 130 35.06 8.91 3.10
N PHE B 131 34.70 7.68 2.80
CA PHE B 131 35.53 6.81 2.02
C PHE B 131 36.15 7.44 0.78
N ALA B 132 35.43 8.34 0.17
CA ALA B 132 35.88 8.99 -1.05
C ALA B 132 37.11 9.86 -0.89
N ARG B 133 38.06 9.67 -1.79
CA ARG B 133 39.28 10.46 -1.80
C ARG B 133 38.98 11.94 -1.89
N VAL B 134 38.36 12.35 -2.99
CA VAL B 134 38.21 13.77 -3.28
C VAL B 134 36.86 14.30 -2.91
N ASP B 135 36.81 15.55 -2.46
CA ASP B 135 35.53 16.14 -2.06
C ASP B 135 34.82 16.89 -3.18
N MET B 136 33.95 16.17 -3.88
CA MET B 136 33.17 16.71 -4.98
C MET B 136 32.04 17.57 -4.51
N ALA B 137 31.43 17.16 -3.41
CA ALA B 137 30.33 17.92 -2.87
C ALA B 137 30.62 19.41 -2.93
N SER B 138 31.80 19.81 -2.50
CA SER B 138 32.18 21.22 -2.48
C SER B 138 31.91 21.94 -3.81
N ILE B 139 32.55 21.48 -4.86
CA ILE B 139 32.42 22.07 -6.19
C ILE B 139 30.97 22.12 -6.58
N ALA B 140 30.36 20.95 -6.57
CA ALA B 140 28.98 20.80 -6.94
C ALA B 140 28.16 21.86 -6.27
N ILE B 141 28.20 21.92 -4.94
CA ILE B 141 27.40 22.90 -4.21
C ILE B 141 27.72 24.31 -4.63
N LYS B 142 28.96 24.57 -4.96
CA LYS B 142 29.32 25.92 -5.37
C LYS B 142 28.59 26.20 -6.67
N LYS B 143 28.91 25.39 -7.66
CA LYS B 143 28.35 25.55 -8.99
C LYS B 143 26.82 25.58 -9.06
N LEU B 144 26.16 24.99 -8.09
CA LEU B 144 24.68 24.99 -8.03
C LEU B 144 24.22 26.32 -7.47
N LYS B 145 24.92 26.80 -6.44
CA LYS B 145 24.56 28.06 -5.83
C LYS B 145 24.80 29.15 -6.86
N GLU B 146 25.83 28.97 -7.67
CA GLU B 146 26.15 29.94 -8.72
C GLU B 146 25.04 30.06 -9.78
N LEU B 147 24.67 28.95 -10.40
CA LEU B 147 23.64 28.95 -11.42
C LEU B 147 22.33 29.47 -10.90
N SER B 148 21.95 29.09 -9.68
CA SER B 148 20.70 29.54 -9.13
C SER B 148 20.85 29.76 -7.65
N PRO B 149 21.20 30.99 -7.27
CA PRO B 149 21.40 31.36 -5.87
C PRO B 149 20.17 31.12 -5.00
N ASN B 150 19.04 30.87 -5.63
CA ASN B 150 17.81 30.62 -4.89
C ASN B 150 17.57 29.17 -4.41
N ILE B 151 18.52 28.26 -4.63
CA ILE B 151 18.31 26.86 -4.25
C ILE B 151 18.67 26.56 -2.80
N LYS B 152 17.94 25.63 -2.21
CA LYS B 152 18.20 25.17 -0.86
C LYS B 152 19.02 23.93 -1.05
N ILE B 153 20.06 23.75 -0.25
CA ILE B 153 20.89 22.58 -0.34
C ILE B 153 20.95 21.82 0.95
N ILE B 154 20.61 20.54 0.92
CA ILE B 154 20.73 19.73 2.10
C ILE B 154 21.89 18.82 1.79
N ARG B 155 22.74 18.56 2.78
CA ARG B 155 23.92 17.75 2.61
C ARG B 155 23.90 16.70 3.70
N LYS B 156 24.21 15.46 3.38
CA LYS B 156 24.30 14.40 4.38
C LYS B 156 25.46 13.58 3.93
N THR B 157 26.23 13.01 4.85
CA THR B 157 27.36 12.19 4.46
C THR B 157 27.42 10.88 5.18
N VAL B 158 27.65 9.84 4.42
CA VAL B 158 27.72 8.50 4.94
C VAL B 158 29.11 8.00 4.69
N PRO B 159 29.50 6.93 5.41
CA PRO B 159 30.81 6.34 5.28
C PRO B 159 31.08 5.74 3.91
N GLY B 160 30.42 4.63 3.60
CA GLY B 160 30.66 3.97 2.33
C GLY B 160 29.66 4.21 1.19
N ILE B 161 30.02 3.78 0.00
CA ILE B 161 29.14 3.95 -1.17
C ILE B 161 27.88 3.13 -0.98
N LYS B 162 28.03 2.03 -0.29
CA LYS B 162 26.92 1.16 0.03
C LYS B 162 25.81 1.93 0.70
N ASP B 163 26.14 3.10 1.19
CA ASP B 163 25.19 3.89 1.92
C ASP B 163 24.45 5.00 1.17
N LEU B 164 24.88 5.32 -0.04
CA LEU B 164 24.23 6.37 -0.79
C LEU B 164 22.71 6.17 -0.94
N PRO B 165 22.27 4.99 -1.41
CA PRO B 165 20.86 4.70 -1.63
C PRO B 165 19.94 5.15 -0.53
N VAL B 166 19.89 4.38 0.54
CA VAL B 166 19.05 4.74 1.67
C VAL B 166 19.17 6.20 1.90
N ALA B 167 20.40 6.68 1.98
CA ALA B 167 20.70 8.07 2.21
C ALA B 167 19.90 8.95 1.28
N CYS B 168 20.00 8.73 -0.02
CA CYS B 168 19.27 9.56 -0.98
C CYS B 168 17.77 9.41 -0.85
N LYS B 169 17.30 8.18 -0.77
CA LYS B 169 15.87 7.92 -0.64
C LYS B 169 15.30 8.66 0.55
N LYS B 170 16.15 8.93 1.55
CA LYS B 170 15.72 9.67 2.74
C LYS B 170 15.53 11.14 2.46
N LEU B 171 16.52 11.77 1.89
CA LEU B 171 16.39 13.16 1.59
C LEU B 171 15.21 13.41 0.66
N LEU B 172 15.00 12.49 -0.27
CA LEU B 172 13.91 12.63 -1.24
C LEU B 172 12.57 12.58 -0.54
N GLU B 173 12.33 11.55 0.27
CA GLU B 173 11.06 11.43 0.97
C GLU B 173 10.97 12.26 2.22
N GLU B 174 11.82 11.96 3.21
CA GLU B 174 11.81 12.67 4.46
C GLU B 174 12.26 14.15 4.44
N GLU B 175 13.17 14.52 3.57
CA GLU B 175 13.66 15.90 3.57
C GLU B 175 13.20 16.75 2.42
N GLY B 176 12.11 16.35 1.80
CA GLY B 176 11.55 17.11 0.68
C GLY B 176 12.47 17.63 -0.41
N CYS B 177 13.50 16.85 -0.75
CA CYS B 177 14.38 17.27 -1.80
C CYS B 177 13.70 16.96 -3.12
N ASP B 178 13.95 17.77 -4.14
CA ASP B 178 13.31 17.55 -5.39
C ASP B 178 14.18 16.70 -6.26
N ILE B 179 15.48 16.73 -5.97
CA ILE B 179 16.40 15.95 -6.73
C ILE B 179 17.57 15.78 -5.82
N VAL B 180 18.37 14.75 -6.03
CA VAL B 180 19.51 14.49 -5.16
C VAL B 180 20.73 14.11 -5.94
N MET B 181 21.91 14.50 -5.49
CA MET B 181 23.13 14.13 -6.15
C MET B 181 23.80 13.13 -5.28
N ALA B 182 24.32 12.06 -5.86
CA ALA B 182 25.01 11.04 -5.08
C ALA B 182 26.45 11.01 -5.54
N LEU B 183 27.35 11.54 -4.72
CA LEU B 183 28.76 11.60 -5.06
C LEU B 183 29.57 10.44 -4.48
N GLY B 184 30.21 9.69 -5.36
CA GLY B 184 31.00 8.55 -4.92
C GLY B 184 32.30 8.29 -5.66
N MET B 185 33.19 7.53 -5.02
CA MET B 185 34.50 7.20 -5.55
C MET B 185 34.80 5.74 -5.34
N PRO B 186 34.09 4.86 -6.05
CA PRO B 186 34.34 3.45 -5.86
C PRO B 186 35.83 3.17 -6.04
N GLY B 187 36.33 2.16 -5.32
CA GLY B 187 37.75 1.86 -5.33
C GLY B 187 38.28 1.27 -6.61
N LYS B 188 39.55 0.88 -6.57
CA LYS B 188 40.23 0.29 -7.72
C LYS B 188 40.10 -1.24 -7.68
N ALA B 189 39.96 -1.80 -6.48
CA ALA B 189 39.83 -3.24 -6.29
C ALA B 189 38.57 -3.80 -6.94
N GLU B 190 38.62 -5.05 -7.38
CA GLU B 190 37.44 -5.65 -7.99
C GLU B 190 36.42 -5.90 -6.90
N LYS B 191 36.87 -5.85 -5.65
CA LYS B 191 35.98 -6.01 -4.52
C LYS B 191 35.18 -4.71 -4.47
N ASP B 192 35.81 -3.60 -4.83
CA ASP B 192 35.17 -2.29 -4.85
C ASP B 192 34.14 -2.20 -6.01
N LYS B 193 34.54 -2.71 -7.17
CA LYS B 193 33.70 -2.69 -8.35
C LYS B 193 32.29 -3.18 -8.03
N VAL B 194 32.21 -4.38 -7.44
CA VAL B 194 30.93 -5.02 -7.21
C VAL B 194 30.04 -4.19 -6.31
N CYS B 195 30.64 -3.57 -5.30
CA CYS B 195 29.88 -2.74 -4.41
C CYS B 195 29.37 -1.50 -5.15
N ALA B 196 30.16 -0.98 -6.07
CA ALA B 196 29.76 0.21 -6.81
C ALA B 196 28.53 -0.07 -7.69
N HIS B 197 28.57 -1.17 -8.40
CA HIS B 197 27.46 -1.54 -9.26
C HIS B 197 26.23 -1.68 -8.39
N GLU B 198 26.35 -2.55 -7.40
CA GLU B 198 25.28 -2.81 -6.47
C GLU B 198 24.73 -1.52 -5.90
N ALA B 199 25.60 -0.58 -5.65
CA ALA B 199 25.18 0.70 -5.10
C ALA B 199 24.35 1.40 -6.12
N SER B 200 24.96 1.62 -7.27
CA SER B 200 24.30 2.27 -8.37
C SER B 200 22.89 1.73 -8.53
N LEU B 201 22.79 0.42 -8.56
CA LEU B 201 21.53 -0.26 -8.72
C LEU B 201 20.52 0.10 -7.66
N GLY B 202 21.01 0.38 -6.46
CA GLY B 202 20.11 0.73 -5.39
C GLY B 202 19.52 2.06 -5.76
N LEU B 203 20.39 2.97 -6.20
CA LEU B 203 19.97 4.32 -6.59
C LEU B 203 18.87 4.22 -7.61
N MET B 204 18.93 3.18 -8.41
CA MET B 204 17.91 2.95 -9.45
C MET B 204 16.56 2.89 -8.79
N LEU B 205 16.42 1.88 -7.96
CA LEU B 205 15.20 1.63 -7.24
C LEU B 205 14.78 2.85 -6.53
N ALA B 206 15.72 3.43 -5.79
CA ALA B 206 15.41 4.61 -5.05
C ALA B 206 14.65 5.61 -5.91
N GLN B 207 15.17 5.88 -7.10
CA GLN B 207 14.52 6.83 -7.96
C GLN B 207 13.14 6.37 -8.39
N LEU B 208 13.04 5.10 -8.72
CA LEU B 208 11.77 4.53 -9.15
C LEU B 208 10.75 4.54 -8.05
N MET B 209 11.18 4.31 -6.83
CA MET B 209 10.23 4.30 -5.77
C MET B 209 9.77 5.70 -5.46
N THR B 210 10.59 6.69 -5.74
CA THR B 210 10.22 8.03 -5.38
C THR B 210 9.75 8.91 -6.50
N ASN B 211 9.98 8.50 -7.72
CA ASN B 211 9.59 9.31 -8.87
C ASN B 211 10.31 10.63 -8.88
N LYS B 212 11.56 10.62 -8.42
CA LYS B 212 12.41 11.79 -8.39
C LYS B 212 13.77 11.35 -8.86
N HIS B 213 14.55 12.26 -9.40
CA HIS B 213 15.88 11.90 -9.86
C HIS B 213 16.96 11.93 -8.79
N ILE B 214 17.97 11.08 -8.96
CA ILE B 214 19.11 11.05 -8.08
C ILE B 214 20.22 11.09 -9.08
N ILE B 215 20.87 12.22 -9.28
CA ILE B 215 21.90 12.22 -10.26
C ILE B 215 23.16 11.58 -9.70
N GLU B 216 23.49 10.44 -10.27
CA GLU B 216 24.63 9.67 -9.83
C GLU B 216 25.89 10.27 -10.44
N VAL B 217 26.95 10.31 -9.65
CA VAL B 217 28.23 10.84 -10.07
C VAL B 217 29.31 10.02 -9.37
N PHE B 218 29.73 8.95 -10.02
CA PHE B 218 30.74 8.08 -9.49
C PHE B 218 32.04 8.20 -10.29
N VAL B 219 33.17 8.32 -9.61
CA VAL B 219 34.47 8.42 -10.25
C VAL B 219 35.38 7.35 -9.69
N HIS B 220 35.65 6.32 -10.47
CA HIS B 220 36.51 5.23 -10.01
C HIS B 220 37.95 5.71 -9.88
N GLU B 221 38.64 5.31 -8.82
CA GLU B 221 40.02 5.73 -8.60
C GLU B 221 40.90 5.42 -9.78
N ASP B 222 40.61 4.30 -10.43
CA ASP B 222 41.36 3.82 -11.58
C ASP B 222 41.09 4.53 -12.90
N GLU B 223 40.07 5.38 -12.96
CA GLU B 223 39.77 6.14 -14.19
C GLU B 223 40.89 7.13 -14.46
N ALA B 224 41.57 7.56 -13.41
CA ALA B 224 42.68 8.50 -13.50
C ALA B 224 43.96 7.84 -13.02
N LYS B 225 45.07 8.18 -13.67
CA LYS B 225 46.37 7.60 -13.35
C LYS B 225 47.05 7.99 -12.01
N ASP B 226 46.86 9.23 -11.56
CA ASP B 226 47.55 9.67 -10.34
C ASP B 226 46.67 10.58 -9.51
N ASP B 227 47.17 10.99 -8.34
CA ASP B 227 46.40 11.86 -7.47
C ASP B 227 46.06 13.22 -8.08
N LYS B 228 46.94 13.74 -8.91
CA LYS B 228 46.68 15.05 -9.52
C LYS B 228 45.46 14.96 -10.43
N GLU B 229 45.41 13.90 -11.23
CA GLU B 229 44.29 13.70 -12.13
C GLU B 229 43.04 13.32 -11.35
N LEU B 230 43.16 12.30 -10.50
CA LEU B 230 42.04 11.84 -9.69
C LEU B 230 41.33 13.04 -9.13
N ASP B 231 42.06 13.97 -8.53
CA ASP B 231 41.46 15.14 -7.95
C ASP B 231 40.86 16.08 -8.99
N TRP B 232 41.57 16.29 -10.08
CA TRP B 232 41.03 17.18 -11.10
C TRP B 232 39.78 16.63 -11.74
N LEU B 233 39.89 15.42 -12.25
CA LEU B 233 38.78 14.76 -12.91
C LEU B 233 37.52 14.78 -12.07
N ALA B 234 37.59 14.28 -10.85
CA ALA B 234 36.43 14.23 -9.98
C ALA B 234 35.75 15.57 -9.86
N LYS B 235 36.53 16.61 -9.62
CA LYS B 235 35.96 17.94 -9.49
C LYS B 235 35.27 18.45 -10.77
N ARG B 236 35.84 18.15 -11.92
CA ARG B 236 35.22 18.60 -13.15
C ARG B 236 33.87 17.95 -13.31
N ARG B 237 33.81 16.63 -13.21
CA ARG B 237 32.53 15.96 -13.36
C ARG B 237 31.52 16.45 -12.39
N ALA B 238 31.90 16.50 -11.14
CA ALA B 238 30.98 16.97 -10.12
C ALA B 238 30.35 18.26 -10.60
N GLU B 239 31.17 19.10 -11.22
CA GLU B 239 30.72 20.40 -11.73
C GLU B 239 29.70 20.15 -12.83
N GLU B 240 30.13 19.41 -13.84
CA GLU B 240 29.28 19.11 -14.98
C GLU B 240 27.93 18.56 -14.58
N HIS B 241 27.90 17.59 -13.67
CA HIS B 241 26.63 17.06 -13.25
C HIS B 241 25.82 18.11 -12.51
N ALA B 242 26.49 18.88 -11.68
CA ALA B 242 25.77 19.87 -10.96
C ALA B 242 25.04 20.73 -11.96
N GLU B 243 25.63 20.97 -13.13
CA GLU B 243 24.96 21.79 -14.13
C GLU B 243 23.65 21.13 -14.57
N ASN B 244 23.66 19.83 -14.72
CA ASN B 244 22.47 19.09 -15.11
C ASN B 244 21.39 19.17 -14.04
N VAL B 245 21.77 19.11 -12.79
CA VAL B 245 20.79 19.21 -11.76
C VAL B 245 20.07 20.51 -11.97
N TYR B 246 20.82 21.52 -12.39
CA TYR B 246 20.24 22.83 -12.66
C TYR B 246 19.23 22.72 -13.79
N TYR B 247 19.72 22.25 -14.93
CA TYR B 247 18.88 22.09 -16.09
C TYR B 247 17.62 21.27 -15.83
N LEU B 248 17.76 19.99 -15.54
CA LEU B 248 16.59 19.17 -15.27
C LEU B 248 15.66 19.93 -14.37
N LEU B 249 16.23 20.68 -13.47
CA LEU B 249 15.48 21.38 -12.46
C LEU B 249 14.86 22.69 -12.86
N PHE B 250 15.53 23.47 -13.70
CA PHE B 250 14.99 24.78 -14.09
C PHE B 250 14.71 25.06 -15.56
N LYS B 251 15.65 24.70 -16.41
CA LYS B 251 15.50 24.93 -17.83
C LYS B 251 15.55 23.61 -18.61
N PRO B 252 14.57 22.73 -18.38
CA PRO B 252 14.49 21.40 -19.00
C PRO B 252 14.30 21.49 -20.48
N GLU B 253 13.77 22.61 -20.96
CA GLU B 253 13.55 22.80 -22.39
C GLU B 253 14.89 22.94 -23.11
N TYR B 254 15.90 23.33 -22.34
CA TYR B 254 17.26 23.33 -22.79
C TYR B 254 17.75 21.94 -23.17
N LEU B 255 17.66 21.00 -22.24
CA LEU B 255 18.11 19.65 -22.53
C LEU B 255 17.54 19.04 -23.82
N THR B 256 16.24 19.22 -24.08
CA THR B 256 15.61 18.67 -25.28
C THR B 256 16.26 19.30 -26.50
N ARG B 257 16.70 20.55 -26.38
CA ARG B 257 17.34 21.25 -27.48
C ARG B 257 18.65 20.57 -27.78
N MET B 258 19.26 20.09 -26.72
CA MET B 258 20.53 19.41 -26.80
C MET B 258 20.30 17.95 -27.08
N ALA B 259 19.02 17.56 -27.21
CA ALA B 259 18.65 16.16 -27.46
C ALA B 259 19.32 15.54 -28.67
N GLY B 260 19.89 14.36 -28.45
CA GLY B 260 20.56 13.64 -29.51
C GLY B 260 21.64 14.45 -30.15
N LYS B 261 22.20 15.39 -29.39
CA LYS B 261 23.29 16.22 -29.87
C LYS B 261 24.63 15.77 -29.29
N GLY B 262 24.66 14.53 -28.81
CA GLY B 262 25.92 13.92 -28.39
C GLY B 262 26.71 14.76 -27.39
N LEU B 263 26.32 14.68 -26.11
CA LEU B 263 27.17 15.04 -24.99
C LEU B 263 26.39 15.87 -23.97
N LEU C 23 -2.83 27.95 18.64
CA LEU C 23 -2.99 26.52 19.01
C LEU C 23 -3.73 25.78 17.89
N PHE C 24 -4.19 26.55 16.91
CA PHE C 24 -4.89 26.06 15.71
C PHE C 24 -3.98 25.19 14.87
N SER C 25 -2.71 25.60 14.81
CA SER C 25 -1.72 24.93 13.99
C SER C 25 -1.55 23.42 14.18
N GLU C 26 -1.29 22.92 15.40
CA GLU C 26 -1.10 21.49 15.64
C GLU C 26 -2.14 20.68 14.87
N PHE C 27 -3.38 21.14 14.96
CA PHE C 27 -4.50 20.49 14.29
C PHE C 27 -4.25 20.45 12.79
N LYS C 28 -3.92 21.61 12.22
CA LYS C 28 -3.69 21.68 10.79
C LYS C 28 -2.57 20.75 10.34
N GLU C 29 -1.45 20.78 11.05
CA GLU C 29 -0.32 19.91 10.70
C GLU C 29 -0.76 18.48 10.91
N PHE C 30 -1.53 18.27 11.96
CA PHE C 30 -2.03 16.93 12.28
C PHE C 30 -2.78 16.38 11.08
N LEU C 31 -3.72 17.18 10.56
CA LEU C 31 -4.54 16.78 9.41
C LEU C 31 -3.66 16.45 8.23
N TYR C 32 -2.65 17.29 8.01
CA TYR C 32 -1.74 17.11 6.90
C TYR C 32 -1.02 15.76 7.02
N GLU C 33 -0.40 15.52 8.17
CA GLU C 33 0.36 14.30 8.40
C GLU C 33 -0.46 13.03 8.24
N TYR C 34 -1.68 13.03 8.79
CA TYR C 34 -2.52 11.83 8.72
C TYR C 34 -3.55 11.83 7.59
N LYS C 35 -3.60 12.92 6.82
CA LYS C 35 -4.55 13.03 5.72
C LYS C 35 -5.97 12.64 6.17
N VAL C 36 -6.42 13.35 7.21
CA VAL C 36 -7.74 13.15 7.80
C VAL C 36 -8.83 13.92 7.05
N ILE C 37 -8.48 15.12 6.63
CA ILE C 37 -9.38 16.01 5.90
C ILE C 37 -10.23 15.38 4.78
N PRO C 38 -9.61 14.65 3.86
CA PRO C 38 -10.41 14.04 2.78
C PRO C 38 -11.28 12.90 3.31
N LEU C 39 -10.84 12.30 4.40
CA LEU C 39 -11.58 11.23 5.02
C LEU C 39 -12.93 11.80 5.43
N ALA C 40 -12.86 12.95 6.09
CA ALA C 40 -14.03 13.67 6.59
C ALA C 40 -14.99 14.16 5.50
N ILE C 41 -14.47 14.61 4.37
CA ILE C 41 -15.34 15.09 3.30
C ILE C 41 -16.29 13.98 2.88
N ALA C 42 -15.92 12.74 3.19
CA ALA C 42 -16.75 11.59 2.85
C ALA C 42 -17.99 11.68 3.70
N PHE C 43 -17.77 11.98 4.98
CA PHE C 43 -18.86 12.12 5.92
C PHE C 43 -19.87 13.11 5.37
N ILE C 44 -19.48 14.37 5.38
CA ILE C 44 -20.32 15.46 4.90
C ILE C 44 -21.17 14.99 3.73
N MET C 45 -20.53 14.53 2.66
CA MET C 45 -21.29 14.09 1.50
C MET C 45 -22.26 12.99 1.86
N GLY C 46 -21.80 11.99 2.61
CA GLY C 46 -22.67 10.90 3.00
C GLY C 46 -23.90 11.44 3.72
N ILE C 47 -23.62 12.17 4.79
CA ILE C 47 -24.67 12.76 5.58
C ILE C 47 -25.58 13.67 4.76
N ALA C 48 -25.03 14.75 4.23
CA ALA C 48 -25.80 15.74 3.45
C ALA C 48 -26.63 15.19 2.29
N SER C 49 -26.10 14.21 1.58
CA SER C 49 -26.85 13.62 0.47
C SER C 49 -27.96 12.72 1.01
N THR C 50 -27.71 12.08 2.16
CA THR C 50 -28.70 11.20 2.77
C THR C 50 -29.93 12.01 3.15
N ALA C 51 -29.68 13.19 3.71
CA ALA C 51 -30.73 14.09 4.15
C ALA C 51 -31.50 14.72 2.99
N LEU C 52 -30.78 15.27 2.02
CA LEU C 52 -31.45 15.90 0.89
C LEU C 52 -32.36 14.92 0.17
N ILE C 53 -31.91 13.68 0.05
CA ILE C 53 -32.70 12.64 -0.62
C ILE C 53 -34.01 12.34 0.11
N LYS C 54 -33.96 12.20 1.43
CA LYS C 54 -35.17 11.90 2.17
C LYS C 54 -36.06 13.13 2.32
N SER C 55 -35.47 14.27 2.64
CA SER C 55 -36.25 15.50 2.78
C SER C 55 -37.15 15.66 1.57
N PHE C 56 -36.60 15.40 0.40
CA PHE C 56 -37.36 15.49 -0.83
C PHE C 56 -38.48 14.44 -0.81
N VAL C 57 -38.09 13.18 -0.63
CA VAL C 57 -39.06 12.09 -0.59
C VAL C 57 -40.22 12.37 0.36
N ASP C 58 -39.86 12.66 1.61
CA ASP C 58 -40.85 12.89 2.65
C ASP C 58 -41.75 14.10 2.48
N ASN C 59 -41.18 15.26 2.18
CA ASN C 59 -42.01 16.46 2.02
C ASN C 59 -42.75 16.63 0.68
N ILE C 60 -42.15 16.15 -0.41
CA ILE C 60 -42.75 16.31 -1.74
C ILE C 60 -43.24 15.03 -2.40
N ILE C 61 -42.39 14.03 -2.43
CA ILE C 61 -42.73 12.76 -3.06
C ILE C 61 -43.96 12.10 -2.45
N MET C 62 -43.87 11.79 -1.17
CA MET C 62 -44.95 11.11 -0.47
C MET C 62 -46.35 11.75 -0.61
N PRO C 63 -46.48 13.06 -0.34
CA PRO C 63 -47.82 13.68 -0.48
C PRO C 63 -48.43 13.41 -1.87
N ILE C 64 -47.58 13.55 -2.89
CA ILE C 64 -48.00 13.31 -4.26
C ILE C 64 -48.45 11.88 -4.40
N ILE C 65 -47.67 10.98 -3.80
CA ILE C 65 -47.97 9.55 -3.81
C ILE C 65 -49.26 9.25 -3.05
N THR C 66 -49.50 9.97 -1.97
CA THR C 66 -50.66 9.70 -1.16
C THR C 66 -51.70 10.82 -1.04
N PRO C 67 -52.61 10.94 -2.03
CA PRO C 67 -53.63 11.98 -1.98
C PRO C 67 -54.82 11.43 -1.20
N PHE C 68 -54.92 10.09 -1.16
CA PHE C 68 -55.98 9.39 -0.46
C PHE C 68 -55.89 9.64 1.05
N VAL C 69 -54.67 9.71 1.60
CA VAL C 69 -54.51 10.03 3.01
C VAL C 69 -54.76 11.53 3.08
N PRO C 70 -55.47 11.99 4.10
CA PRO C 70 -55.75 13.43 4.17
C PRO C 70 -54.58 14.29 4.68
N GLY C 71 -54.39 15.44 4.02
CA GLY C 71 -53.34 16.37 4.41
C GLY C 71 -51.93 15.83 4.60
N GLY C 72 -51.55 14.82 3.83
CA GLY C 72 -50.23 14.24 3.95
C GLY C 72 -50.03 13.50 5.25
N GLY C 73 -51.07 12.82 5.69
CA GLY C 73 -50.98 12.08 6.93
C GLY C 73 -50.30 10.74 6.74
N TRP C 74 -49.77 10.51 5.55
CA TRP C 74 -49.11 9.25 5.26
C TRP C 74 -48.15 8.84 6.38
N GLU C 75 -47.50 9.83 7.00
CA GLU C 75 -46.56 9.56 8.08
C GLU C 75 -47.23 8.70 9.16
N THR C 76 -48.45 9.09 9.51
CA THR C 76 -49.23 8.39 10.53
C THR C 76 -50.24 7.40 9.97
N ALA C 77 -50.23 7.27 8.64
CA ALA C 77 -51.13 6.35 7.96
C ALA C 77 -51.02 4.99 8.66
N THR C 78 -52.16 4.32 8.84
CA THR C 78 -52.18 3.03 9.51
C THR C 78 -53.34 2.12 9.14
N VAL C 79 -53.08 0.82 9.23
CA VAL C 79 -54.06 -0.23 8.95
C VAL C 79 -54.04 -1.22 10.10
N GLU C 80 -55.22 -1.63 10.53
CA GLU C 80 -55.33 -2.60 11.62
C GLU C 80 -55.63 -3.99 11.13
N LEU C 81 -55.01 -4.96 11.78
CA LEU C 81 -55.19 -6.37 11.48
C LEU C 81 -55.50 -6.99 12.82
N GLY C 82 -56.78 -7.12 13.13
CA GLY C 82 -57.16 -7.64 14.42
C GLY C 82 -56.60 -6.62 15.41
N PRO C 83 -55.93 -7.09 16.49
CA PRO C 83 -55.35 -6.17 17.48
C PRO C 83 -53.97 -5.58 17.06
N ILE C 84 -53.60 -5.81 15.81
CA ILE C 84 -52.32 -5.35 15.29
C ILE C 84 -52.46 -4.00 14.59
N VAL C 85 -51.55 -3.08 14.89
CA VAL C 85 -51.59 -1.77 14.26
C VAL C 85 -50.30 -1.49 13.53
N ILE C 86 -50.34 -1.54 12.21
CA ILE C 86 -49.14 -1.34 11.42
C ILE C 86 -49.09 0.02 10.72
N SER C 87 -48.14 0.83 11.14
CA SER C 87 -47.90 2.15 10.56
C SER C 87 -47.18 1.98 9.24
N TRP C 88 -47.93 1.56 8.22
CA TRP C 88 -47.37 1.32 6.89
C TRP C 88 -46.92 2.58 6.17
N GLY C 89 -47.60 3.70 6.45
CA GLY C 89 -47.24 4.94 5.80
C GLY C 89 -45.79 5.28 6.05
N ALA C 90 -45.36 5.18 7.29
CA ALA C 90 -43.98 5.45 7.67
C ALA C 90 -43.03 4.52 6.95
N PHE C 91 -43.34 3.23 6.95
CA PHE C 91 -42.49 2.25 6.28
C PHE C 91 -42.42 2.49 4.78
N LEU C 92 -43.58 2.75 4.17
CA LEU C 92 -43.65 3.02 2.74
C LEU C 92 -42.79 4.22 2.37
N GLY C 93 -42.81 5.25 3.21
CA GLY C 93 -42.01 6.44 2.97
C GLY C 93 -40.51 6.14 3.04
N GLU C 94 -40.13 5.15 3.83
CA GLU C 94 -38.73 4.76 3.95
C GLU C 94 -38.37 3.85 2.80
N LEU C 95 -39.29 2.94 2.52
CA LEU C 95 -39.11 1.99 1.43
C LEU C 95 -38.88 2.74 0.14
N VAL C 96 -39.68 3.78 -0.11
CA VAL C 96 -39.56 4.60 -1.31
C VAL C 96 -38.33 5.50 -1.22
N ASN C 97 -37.91 5.81 0.01
CA ASN C 97 -36.72 6.63 0.21
C ASN C 97 -35.50 5.80 -0.20
N PHE C 98 -35.42 4.62 0.41
CA PHE C 98 -34.36 3.65 0.17
C PHE C 98 -34.21 3.37 -1.32
N ILE C 99 -35.35 3.25 -2.00
CA ILE C 99 -35.40 3.00 -3.44
C ILE C 99 -34.76 4.17 -4.20
N ILE C 100 -35.11 5.38 -3.80
CA ILE C 100 -34.56 6.57 -4.44
C ILE C 100 -33.09 6.72 -4.08
N ILE C 101 -32.69 6.30 -2.89
CA ILE C 101 -31.28 6.41 -2.50
C ILE C 101 -30.46 5.33 -3.19
N ALA C 102 -31.07 4.16 -3.39
CA ALA C 102 -30.40 3.06 -4.05
C ALA C 102 -29.99 3.46 -5.47
N PHE C 103 -30.96 3.96 -6.25
CA PHE C 103 -30.70 4.40 -7.63
C PHE C 103 -29.60 5.46 -7.67
N ALA C 104 -29.59 6.34 -6.68
CA ALA C 104 -28.59 7.38 -6.59
C ALA C 104 -27.20 6.75 -6.48
N VAL C 105 -27.06 5.74 -5.62
CA VAL C 105 -25.78 5.07 -5.44
C VAL C 105 -25.48 4.16 -6.61
N PHE C 106 -26.51 3.50 -7.18
CA PHE C 106 -26.29 2.64 -8.33
C PHE C 106 -25.75 3.50 -9.46
N ILE C 107 -26.44 4.62 -9.70
CA ILE C 107 -26.09 5.56 -10.76
C ILE C 107 -24.79 6.32 -10.50
N ILE C 108 -24.51 6.64 -9.25
CA ILE C 108 -23.28 7.35 -8.95
C ILE C 108 -22.10 6.39 -9.17
N ALA C 109 -22.34 5.09 -8.97
CA ALA C 109 -21.31 4.05 -9.15
C ALA C 109 -21.03 3.77 -10.61
N LYS C 110 -22.07 3.91 -11.45
CA LYS C 110 -21.94 3.68 -12.88
C LYS C 110 -21.05 4.75 -13.50
N LYS C 111 -21.37 6.01 -13.24
CA LYS C 111 -20.61 7.12 -13.80
C LYS C 111 -19.14 7.20 -13.36
N VAL C 112 -18.78 6.62 -12.21
CA VAL C 112 -17.38 6.64 -11.76
C VAL C 112 -16.69 5.50 -12.48
N LEU C 113 -17.49 4.60 -13.02
CA LEU C 113 -17.00 3.46 -13.79
C LEU C 113 -16.57 3.94 -15.17
N GLN C 114 -17.32 4.89 -15.74
CA GLN C 114 -17.04 5.44 -17.07
C GLN C 114 -15.87 6.40 -17.29
N GLU C 115 -15.24 6.94 -16.24
CA GLU C 115 -14.10 7.81 -16.52
C GLU C 115 -12.98 6.98 -17.11
N GLU C 116 -12.86 5.75 -16.63
CA GLU C 116 -11.83 4.81 -17.07
C GLU C 116 -12.29 3.97 -18.29
N LYS C 117 -12.51 4.68 -19.40
CA LYS C 117 -12.97 4.10 -20.69
C LYS C 117 -11.89 3.25 -21.34
N VAL C 118 -12.23 2.67 -22.48
CA VAL C 118 -11.29 1.92 -23.28
C VAL C 118 -10.96 2.84 -24.46
N GLU C 119 -10.99 4.16 -24.20
CA GLU C 119 -10.73 5.17 -25.23
C GLU C 119 -9.69 6.25 -24.87
N LYS C 120 -10.07 7.52 -24.99
CA LYS C 120 -9.16 8.64 -24.72
C LYS C 120 -8.24 8.65 -25.93
N THR C 121 -7.71 9.79 -26.36
CA THR C 121 -6.86 9.63 -27.54
C THR C 121 -5.59 9.10 -26.88
N LYS C 122 -5.08 7.97 -27.37
CA LYS C 122 -3.90 7.39 -26.76
C LYS C 122 -2.76 8.40 -26.70
N LYS C 123 -2.02 8.44 -25.58
CA LYS C 123 -0.91 9.37 -25.41
C LYS C 123 0.38 8.64 -25.19
N VAL C 124 1.34 8.89 -26.05
CA VAL C 124 2.65 8.24 -26.01
C VAL C 124 3.72 9.13 -25.41
N GLY C 125 4.64 8.52 -24.65
CA GLY C 125 5.74 9.26 -24.06
C GLY C 125 7.04 8.91 -24.75
N ILE C 126 7.86 9.91 -25.05
CA ILE C 126 9.14 9.72 -25.70
C ILE C 126 10.26 10.32 -24.84
N VAL C 127 11.16 9.48 -24.33
CA VAL C 127 12.29 9.90 -23.49
C VAL C 127 13.63 9.65 -24.14
N ASP C 128 14.44 10.67 -24.28
CA ASP C 128 15.74 10.49 -24.92
C ASP C 128 16.91 11.12 -24.15
N THR C 129 18.10 11.10 -24.73
CA THR C 129 19.30 11.59 -24.07
C THR C 129 20.06 12.65 -24.79
N THR C 130 20.74 13.49 -24.04
CA THR C 130 21.59 14.50 -24.62
C THR C 130 22.83 13.72 -25.01
N PHE C 131 23.26 12.87 -24.09
CA PHE C 131 24.41 12.00 -24.24
C PHE C 131 24.44 11.32 -25.63
N ALA C 132 23.29 10.80 -26.03
CA ALA C 132 23.14 10.11 -27.29
C ALA C 132 23.62 10.89 -28.52
N ARG C 133 24.39 10.22 -29.34
CA ARG C 133 24.92 10.82 -30.56
C ARG C 133 23.87 11.15 -31.62
N VAL C 134 22.96 10.23 -31.87
CA VAL C 134 21.92 10.42 -32.90
C VAL C 134 20.53 10.74 -32.35
N ASP C 135 19.76 11.56 -33.07
CA ASP C 135 18.42 11.87 -32.57
C ASP C 135 17.31 10.98 -33.13
N MET C 136 17.04 9.93 -32.39
CA MET C 136 16.04 8.96 -32.75
C MET C 136 14.65 9.45 -32.45
N ALA C 137 14.53 10.31 -31.46
CA ALA C 137 13.22 10.81 -31.13
C ALA C 137 12.51 11.37 -32.35
N SER C 138 13.23 12.15 -33.14
CA SER C 138 12.67 12.75 -34.35
C SER C 138 11.91 11.75 -35.19
N ILE C 139 12.64 10.83 -35.79
CA ILE C 139 12.07 9.80 -36.64
C ILE C 139 10.89 9.17 -35.97
N ALA C 140 11.13 8.66 -34.79
CA ALA C 140 10.09 8.00 -34.03
C ALA C 140 8.80 8.81 -34.03
N ILE C 141 8.88 10.07 -33.58
CA ILE C 141 7.70 10.89 -33.50
C ILE C 141 7.06 11.06 -34.86
N LYS C 142 7.87 11.31 -35.88
CA LYS C 142 7.34 11.48 -37.21
C LYS C 142 6.52 10.24 -37.54
N LYS C 143 7.20 9.11 -37.60
CA LYS C 143 6.56 7.86 -37.92
C LYS C 143 5.34 7.52 -37.09
N LEU C 144 5.26 8.04 -35.87
CA LEU C 144 4.11 7.78 -35.02
C LEU C 144 2.97 8.68 -35.45
N LYS C 145 3.27 9.92 -35.76
CA LYS C 145 2.25 10.87 -36.20
C LYS C 145 1.66 10.38 -37.52
N GLU C 146 2.51 9.84 -38.37
CA GLU C 146 2.10 9.29 -39.65
C GLU C 146 1.08 8.18 -39.52
N LEU C 147 1.42 7.14 -38.75
CA LEU C 147 0.52 5.99 -38.55
C LEU C 147 -0.81 6.34 -37.93
N SER C 148 -0.79 7.29 -37.03
CA SER C 148 -2.00 7.71 -36.39
C SER C 148 -1.88 9.17 -36.01
N PRO C 149 -2.26 10.07 -36.92
CA PRO C 149 -2.19 11.52 -36.69
C PRO C 149 -2.93 11.95 -35.43
N ASN C 150 -3.75 11.06 -34.90
CA ASN C 150 -4.55 11.34 -33.74
C ASN C 150 -3.86 11.11 -32.38
N ILE C 151 -2.58 10.73 -32.35
CA ILE C 151 -1.89 10.50 -31.07
C ILE C 151 -1.33 11.76 -30.44
N LYS C 152 -1.31 11.75 -29.11
CA LYS C 152 -0.75 12.86 -28.35
C LYS C 152 0.67 12.44 -28.00
N ILE C 153 1.65 13.31 -28.22
CA ILE C 153 3.04 12.98 -27.91
C ILE C 153 3.66 13.86 -26.85
N ILE C 154 4.17 13.23 -25.79
CA ILE C 154 4.83 13.95 -24.73
C ILE C 154 6.30 13.65 -24.85
N ARG C 155 7.14 14.68 -24.83
CA ARG C 155 8.58 14.50 -24.97
C ARG C 155 9.33 15.05 -23.76
N LYS C 156 10.23 14.26 -23.16
CA LYS C 156 11.04 14.70 -22.01
C LYS C 156 12.45 14.20 -22.27
N THR C 157 13.47 15.02 -22.04
CA THR C 157 14.81 14.56 -22.32
C THR C 157 15.76 14.64 -21.14
N VAL C 158 16.45 13.55 -20.84
CA VAL C 158 17.35 13.60 -19.73
C VAL C 158 18.73 13.51 -20.28
N PRO C 159 19.75 13.80 -19.46
CA PRO C 159 21.14 13.78 -19.88
C PRO C 159 21.68 12.39 -20.14
N GLY C 160 21.65 11.53 -19.13
CA GLY C 160 22.22 10.20 -19.27
C GLY C 160 21.23 9.05 -19.36
N ILE C 161 21.70 7.93 -19.88
CA ILE C 161 20.84 6.77 -20.04
C ILE C 161 20.39 6.35 -18.66
N LYS C 162 21.23 6.64 -17.69
CA LYS C 162 20.94 6.32 -16.32
C LYS C 162 19.57 6.90 -15.91
N ASP C 163 19.17 7.95 -16.63
CA ASP C 163 17.95 8.69 -16.33
C ASP C 163 16.65 8.25 -16.95
N LEU C 164 16.69 7.47 -18.01
CA LEU C 164 15.48 7.04 -18.65
C LEU C 164 14.44 6.47 -17.70
N PRO C 165 14.80 5.51 -16.82
CA PRO C 165 13.82 4.89 -15.92
C PRO C 165 12.89 5.84 -15.21
N VAL C 166 13.42 6.57 -14.26
CA VAL C 166 12.62 7.52 -13.53
C VAL C 166 11.82 8.33 -14.50
N ALA C 167 12.50 8.87 -15.49
CA ALA C 167 11.86 9.67 -16.51
C ALA C 167 10.65 8.99 -17.07
N CYS C 168 10.79 7.77 -17.56
CA CYS C 168 9.66 7.04 -18.11
C CYS C 168 8.59 6.79 -17.06
N LYS C 169 8.96 6.24 -15.92
CA LYS C 169 7.99 5.97 -14.90
C LYS C 169 7.18 7.20 -14.58
N LYS C 170 7.74 8.37 -14.82
CA LYS C 170 7.05 9.62 -14.57
C LYS C 170 5.96 9.92 -15.60
N LEU C 171 6.34 9.87 -16.87
CA LEU C 171 5.41 10.12 -17.94
C LEU C 171 4.27 9.13 -17.85
N LEU C 172 4.57 7.90 -17.49
CA LEU C 172 3.54 6.91 -17.37
C LEU C 172 2.54 7.26 -16.27
N GLU C 173 3.04 7.57 -15.08
CA GLU C 173 2.18 7.87 -13.97
C GLU C 173 1.72 9.30 -13.94
N GLU C 174 2.65 10.23 -13.83
CA GLU C 174 2.29 11.62 -13.75
C GLU C 174 1.76 12.27 -15.03
N GLU C 175 2.18 11.81 -16.19
CA GLU C 175 1.73 12.43 -17.47
C GLU C 175 0.70 11.65 -18.28
N GLY C 176 0.04 10.70 -17.64
CA GLY C 176 -0.95 9.89 -18.30
C GLY C 176 -0.59 9.27 -19.64
N CYS C 177 0.67 8.91 -19.87
CA CYS C 177 1.02 8.28 -21.12
C CYS C 177 0.63 6.82 -21.04
N ASP C 178 0.19 6.28 -22.17
CA ASP C 178 -0.24 4.88 -22.24
C ASP C 178 0.92 3.94 -22.52
N ILE C 179 1.93 4.49 -23.15
CA ILE C 179 3.08 3.73 -23.48
C ILE C 179 4.20 4.71 -23.62
N VAL C 180 5.43 4.24 -23.44
CA VAL C 180 6.58 5.13 -23.53
C VAL C 180 7.72 4.49 -24.31
N MET C 181 8.45 5.29 -25.06
CA MET C 181 9.60 4.80 -25.77
C MET C 181 10.79 5.42 -25.07
N ALA C 182 11.81 4.61 -24.77
CA ALA C 182 13.02 5.09 -24.11
C ALA C 182 14.15 4.97 -25.09
N LEU C 183 14.60 6.08 -25.67
CA LEU C 183 15.62 6.10 -26.69
C LEU C 183 17.02 6.34 -26.17
N GLY C 184 17.91 5.40 -26.37
CA GLY C 184 19.28 5.54 -25.84
C GLY C 184 20.41 5.00 -26.66
N MET C 185 21.61 5.55 -26.44
CA MET C 185 22.81 5.17 -27.15
C MET C 185 23.93 4.83 -26.18
N PRO C 186 23.88 3.66 -25.52
CA PRO C 186 24.97 3.34 -24.59
C PRO C 186 26.29 3.39 -25.35
N GLY C 187 27.37 3.75 -24.66
CA GLY C 187 28.68 3.87 -25.28
C GLY C 187 29.36 2.57 -25.69
N LYS C 188 30.60 2.68 -26.13
CA LYS C 188 31.37 1.53 -26.55
C LYS C 188 32.19 0.93 -25.40
N ALA C 189 32.58 1.78 -24.45
CA ALA C 189 33.36 1.36 -23.29
C ALA C 189 32.63 0.31 -22.45
N GLU C 190 33.37 -0.58 -21.77
CA GLU C 190 32.73 -1.59 -20.93
C GLU C 190 32.13 -0.91 -19.73
N LYS C 191 32.56 0.34 -19.49
CA LYS C 191 32.03 1.15 -18.39
C LYS C 191 30.62 1.55 -18.80
N ASP C 192 30.44 1.75 -20.10
CA ASP C 192 29.14 2.12 -20.67
C ASP C 192 28.19 0.93 -20.64
N LYS C 193 28.73 -0.22 -20.99
CA LYS C 193 27.95 -1.45 -21.05
C LYS C 193 27.22 -1.77 -19.75
N VAL C 194 27.89 -1.59 -18.61
CA VAL C 194 27.27 -1.86 -17.32
C VAL C 194 26.14 -0.88 -17.06
N CYS C 195 26.34 0.38 -17.43
CA CYS C 195 25.32 1.39 -17.23
C CYS C 195 24.09 1.09 -18.07
N ALA C 196 24.32 0.62 -19.28
CA ALA C 196 23.21 0.29 -20.19
C ALA C 196 22.36 -0.83 -19.63
N HIS C 197 23.01 -1.92 -19.20
CA HIS C 197 22.29 -3.06 -18.64
C HIS C 197 21.49 -2.59 -17.46
N GLU C 198 22.19 -1.99 -16.50
CA GLU C 198 21.59 -1.47 -15.31
C GLU C 198 20.38 -0.63 -15.63
N ALA C 199 20.51 0.18 -16.68
CA ALA C 199 19.44 1.06 -17.12
C ALA C 199 18.26 0.22 -17.55
N SER C 200 18.49 -0.60 -18.55
CA SER C 200 17.45 -1.45 -19.07
C SER C 200 16.68 -2.07 -17.94
N LEU C 201 17.42 -2.64 -17.01
CA LEU C 201 16.84 -3.29 -15.88
C LEU C 201 15.92 -2.37 -15.10
N GLY C 202 16.24 -1.08 -15.13
CA GLY C 202 15.40 -0.16 -14.41
C GLY C 202 14.08 -0.05 -15.15
N LEU C 203 14.17 0.04 -16.47
CA LEU C 203 12.97 0.12 -17.30
C LEU C 203 12.09 -1.08 -17.00
N MET C 204 12.72 -2.23 -16.77
CA MET C 204 11.98 -3.44 -16.42
C MET C 204 11.01 -3.15 -15.30
N LEU C 205 11.58 -2.79 -14.16
CA LEU C 205 10.82 -2.49 -12.98
C LEU C 205 9.77 -1.45 -13.31
N ALA C 206 10.20 -0.38 -13.98
CA ALA C 206 9.29 0.69 -14.30
C ALA C 206 7.97 0.15 -14.87
N GLN C 207 8.11 -0.66 -15.90
CA GLN C 207 6.95 -1.24 -16.56
C GLN C 207 6.13 -2.04 -15.57
N LEU C 208 6.79 -2.91 -14.83
CA LEU C 208 6.10 -3.76 -13.87
C LEU C 208 5.40 -2.99 -12.80
N MET C 209 6.00 -1.91 -12.35
CA MET C 209 5.34 -1.14 -11.31
C MET C 209 4.14 -0.41 -11.90
N THR C 210 4.22 -0.05 -13.18
CA THR C 210 3.14 0.70 -13.83
C THR C 210 2.09 -0.11 -14.63
N ASN C 211 2.44 -1.34 -15.00
CA ASN C 211 1.57 -2.16 -15.82
C ASN C 211 1.33 -1.45 -17.12
N LYS C 212 2.39 -0.92 -17.69
CA LYS C 212 2.35 -0.21 -18.96
C LYS C 212 3.64 -0.50 -19.65
N HIS C 213 3.66 -0.41 -20.97
CA HIS C 213 4.86 -0.71 -21.70
C HIS C 213 5.80 0.46 -21.91
N ILE C 214 7.09 0.16 -21.86
CA ILE C 214 8.14 1.13 -22.13
C ILE C 214 8.90 0.42 -23.21
N ILE C 215 8.80 0.92 -24.43
CA ILE C 215 9.48 0.27 -25.51
C ILE C 215 10.87 0.78 -25.58
N GLU C 216 11.77 -0.09 -25.16
CA GLU C 216 13.20 0.21 -25.11
C GLU C 216 13.77 0.15 -26.49
N VAL C 217 14.66 1.07 -26.78
CA VAL C 217 15.31 1.12 -28.08
C VAL C 217 16.71 1.67 -27.85
N PHE C 218 17.63 0.77 -27.51
CA PHE C 218 19.02 1.16 -27.27
C PHE C 218 19.90 0.76 -28.44
N VAL C 219 20.76 1.67 -28.87
CA VAL C 219 21.68 1.42 -29.96
C VAL C 219 23.11 1.67 -29.53
N HIS C 220 23.88 0.61 -29.30
CA HIS C 220 25.26 0.73 -28.86
C HIS C 220 26.13 1.27 -29.98
N GLU C 221 26.96 2.26 -29.67
CA GLU C 221 27.82 2.87 -30.68
C GLU C 221 28.61 1.83 -31.46
N ASP C 222 29.00 0.77 -30.76
CA ASP C 222 29.79 -0.31 -31.34
C ASP C 222 29.00 -1.25 -32.25
N GLU C 223 27.67 -1.21 -32.23
CA GLU C 223 26.88 -2.09 -33.09
C GLU C 223 27.12 -1.74 -34.53
N ALA C 224 27.49 -0.50 -34.79
CA ALA C 224 27.78 -0.02 -36.14
C ALA C 224 29.24 0.38 -36.23
N LYS C 225 29.83 0.14 -37.39
CA LYS C 225 31.23 0.44 -37.64
C LYS C 225 31.64 1.91 -37.76
N ASP C 226 30.78 2.77 -38.34
CA ASP C 226 31.13 4.18 -38.49
C ASP C 226 29.97 5.13 -38.22
N ASP C 227 30.22 6.43 -38.33
CA ASP C 227 29.20 7.44 -38.09
C ASP C 227 28.04 7.40 -39.09
N LYS C 228 28.33 7.06 -40.33
CA LYS C 228 27.28 6.96 -41.36
C LYS C 228 26.28 5.85 -41.00
N GLU C 229 26.82 4.69 -40.62
CA GLU C 229 25.97 3.57 -40.22
C GLU C 229 25.30 3.86 -38.90
N LEU C 230 26.09 4.25 -37.91
CA LEU C 230 25.54 4.55 -36.60
C LEU C 230 24.28 5.38 -36.83
N ASP C 231 24.42 6.50 -37.53
CA ASP C 231 23.25 7.36 -37.78
C ASP C 231 22.14 6.68 -38.56
N TRP C 232 22.49 5.89 -39.55
CA TRP C 232 21.43 5.23 -40.30
C TRP C 232 20.73 4.20 -39.44
N LEU C 233 21.52 3.29 -38.88
CA LEU C 233 21.00 2.21 -38.05
C LEU C 233 20.07 2.70 -36.96
N ALA C 234 20.52 3.66 -36.18
CA ALA C 234 19.69 4.16 -35.08
C ALA C 234 18.31 4.58 -35.60
N LYS C 235 18.31 5.40 -36.65
CA LYS C 235 17.08 5.91 -37.24
C LYS C 235 16.14 4.80 -37.69
N ARG C 236 16.67 3.77 -38.32
CA ARG C 236 15.81 2.68 -38.77
C ARG C 236 15.15 2.01 -37.59
N ARG C 237 15.93 1.62 -36.60
CA ARG C 237 15.34 0.96 -35.46
C ARG C 237 14.30 1.84 -34.82
N ALA C 238 14.67 3.08 -34.57
CA ALA C 238 13.74 3.98 -33.95
C ALA C 238 12.40 3.88 -34.69
N GLU C 239 12.49 3.90 -36.01
CA GLU C 239 11.31 3.84 -36.85
C GLU C 239 10.57 2.55 -36.55
N GLU C 240 11.29 1.44 -36.65
CA GLU C 240 10.73 0.11 -36.43
C GLU C 240 10.00 -0.05 -35.11
N HIS C 241 10.60 0.44 -34.04
CA HIS C 241 9.95 0.31 -32.77
C HIS C 241 8.72 1.21 -32.72
N ALA C 242 8.84 2.39 -33.32
CA ALA C 242 7.73 3.31 -33.33
C ALA C 242 6.50 2.59 -33.90
N GLU C 243 6.73 1.75 -34.90
CA GLU C 243 5.66 0.99 -35.53
C GLU C 243 5.00 0.10 -34.50
N ASN C 244 5.82 -0.53 -33.66
CA ASN C 244 5.31 -1.40 -32.62
C ASN C 244 4.45 -0.66 -31.62
N VAL C 245 4.88 0.55 -31.30
CA VAL C 245 4.16 1.35 -30.36
C VAL C 245 2.78 1.44 -30.93
N TYR C 246 2.73 1.70 -32.24
CA TYR C 246 1.47 1.81 -32.96
C TYR C 246 0.67 0.53 -32.80
N TYR C 247 1.28 -0.58 -33.17
CA TYR C 247 0.61 -1.86 -33.10
C TYR C 247 0.13 -2.22 -31.73
N LEU C 248 1.05 -2.35 -30.78
CA LEU C 248 0.67 -2.71 -29.43
C LEU C 248 -0.52 -1.85 -29.01
N LEU C 249 -0.46 -0.59 -29.44
CA LEU C 249 -1.43 0.43 -29.08
C LEU C 249 -2.77 0.43 -29.82
N PHE C 250 -2.77 0.14 -31.11
CA PHE C 250 -4.01 0.16 -31.90
C PHE C 250 -4.52 -1.12 -32.52
N LYS C 251 -3.67 -1.83 -33.23
CA LYS C 251 -4.09 -3.04 -33.89
C LYS C 251 -3.34 -4.19 -33.31
N PRO C 252 -3.65 -4.55 -32.06
CA PRO C 252 -3.00 -5.65 -31.33
C PRO C 252 -3.37 -6.98 -31.92
N GLU C 253 -4.48 -7.01 -32.65
CA GLU C 253 -4.92 -8.23 -33.31
C GLU C 253 -3.81 -8.66 -34.26
N TYR C 254 -3.32 -7.68 -35.01
CA TYR C 254 -2.27 -7.85 -35.99
C TYR C 254 -1.09 -8.62 -35.41
N LEU C 255 -0.56 -8.18 -34.28
CA LEU C 255 0.59 -8.81 -33.67
C LEU C 255 0.38 -10.31 -33.43
N THR C 256 -0.82 -10.70 -33.01
CA THR C 256 -1.09 -12.13 -32.78
C THR C 256 -1.03 -12.89 -34.08
N ARG C 257 -1.42 -12.23 -35.17
CA ARG C 257 -1.40 -12.86 -36.47
C ARG C 257 0.05 -13.11 -36.84
N MET C 258 0.92 -12.23 -36.38
CA MET C 258 2.33 -12.36 -36.65
C MET C 258 3.01 -13.19 -35.58
N ALA C 259 2.22 -13.71 -34.65
CA ALA C 259 2.75 -14.53 -33.57
C ALA C 259 3.71 -15.61 -34.06
C GLY C 260 6.08 -16.92 -35.19
N LYS C 261 6.02 -15.77 -35.86
CA LYS C 261 6.30 -15.68 -37.29
C LYS C 261 7.65 -15.02 -37.52
N GLY C 262 8.55 -15.16 -36.55
CA GLY C 262 9.93 -14.70 -36.69
C GLY C 262 10.23 -13.36 -37.36
N LEU C 263 9.46 -12.31 -37.04
CA LEU C 263 9.67 -10.94 -37.56
C LEU C 263 10.93 -10.27 -36.98
N ARG C 264 11.66 -9.52 -37.81
CA ARG C 264 12.89 -8.84 -37.36
C ARG C 264 13.45 -7.82 -38.36
N LEU D 23 -15.59 26.33 -9.59
CA LEU D 23 -16.22 26.08 -8.26
C LEU D 23 -16.39 24.58 -8.03
N PHE D 24 -17.17 23.95 -8.90
CA PHE D 24 -17.46 22.53 -8.82
C PHE D 24 -16.27 21.60 -9.08
N SER D 25 -15.51 21.92 -10.12
CA SER D 25 -14.37 21.12 -10.52
C SER D 25 -13.34 20.71 -9.44
N GLU D 26 -12.75 21.66 -8.73
CA GLU D 26 -11.73 21.31 -7.73
C GLU D 26 -12.19 20.12 -6.92
N PHE D 27 -13.44 20.18 -6.50
CA PHE D 27 -14.04 19.12 -5.71
C PHE D 27 -13.94 17.79 -6.44
N LYS D 28 -14.39 17.76 -7.70
CA LYS D 28 -14.36 16.53 -8.48
C LYS D 28 -12.95 15.95 -8.58
N GLU D 29 -11.99 16.79 -8.94
CA GLU D 29 -10.59 16.33 -9.08
C GLU D 29 -10.10 15.87 -7.72
N PHE D 30 -10.54 16.58 -6.70
CA PHE D 30 -10.18 16.26 -5.33
C PHE D 30 -10.59 14.82 -5.03
N LEU D 31 -11.85 14.51 -5.33
CA LEU D 31 -12.39 13.18 -5.10
C LEU D 31 -11.59 12.13 -5.83
N TYR D 32 -11.27 12.44 -7.08
CA TYR D 32 -10.50 11.53 -7.91
C TYR D 32 -9.13 11.22 -7.27
N GLU D 33 -8.40 12.26 -6.93
CA GLU D 33 -7.06 12.11 -6.35
C GLU D 33 -7.03 11.33 -5.04
N TYR D 34 -7.98 11.62 -4.16
CA TYR D 34 -7.99 10.94 -2.87
C TYR D 34 -8.94 9.75 -2.79
N LYS D 35 -9.64 9.48 -3.88
CA LYS D 35 -10.60 8.36 -3.94
C LYS D 35 -11.53 8.36 -2.73
N VAL D 36 -12.17 9.52 -2.53
CA VAL D 36 -13.08 9.78 -1.43
C VAL D 36 -14.47 9.22 -1.72
N ILE D 37 -14.89 9.36 -2.97
CA ILE D 37 -16.21 8.92 -3.44
C ILE D 37 -16.68 7.53 -2.99
N PRO D 38 -15.83 6.50 -3.14
CA PRO D 38 -16.23 5.14 -2.73
C PRO D 38 -16.25 5.02 -1.21
N LEU D 39 -15.45 5.86 -0.56
CA LEU D 39 -15.41 5.91 0.89
C LEU D 39 -16.82 6.29 1.35
N ALA D 40 -17.34 7.38 0.78
CA ALA D 40 -18.68 7.93 1.08
C ALA D 40 -19.84 6.98 0.79
N ILE D 41 -19.73 6.18 -0.27
CA ILE D 41 -20.80 5.23 -0.60
C ILE D 41 -20.99 4.25 0.53
N ALA D 42 -19.96 4.07 1.36
CA ALA D 42 -20.06 3.20 2.52
C ALA D 42 -21.07 3.85 3.45
N PHE D 43 -20.91 5.15 3.64
CA PHE D 43 -21.81 5.94 4.46
C PHE D 43 -23.23 5.65 4.05
N ILE D 44 -23.61 6.22 2.91
CA ILE D 44 -24.96 6.06 2.39
C ILE D 44 -25.50 4.67 2.74
N MET D 45 -24.78 3.63 2.33
CA MET D 45 -25.23 2.26 2.60
C MET D 45 -25.39 1.97 4.08
N GLY D 46 -24.40 2.38 4.87
CA GLY D 46 -24.49 2.16 6.29
C GLY D 46 -25.75 2.82 6.80
N ILE D 47 -25.85 4.12 6.56
CA ILE D 47 -27.00 4.92 6.97
C ILE D 47 -28.34 4.39 6.47
N ALA D 48 -28.53 4.41 5.15
CA ALA D 48 -29.77 3.96 4.56
C ALA D 48 -30.20 2.56 4.97
N SER D 49 -29.28 1.61 5.06
CA SER D 49 -29.67 0.25 5.46
C SER D 49 -30.03 0.20 6.95
N THR D 50 -29.39 1.05 7.75
CA THR D 50 -29.67 1.11 9.18
C THR D 50 -31.11 1.55 9.38
N ALA D 51 -31.52 2.59 8.63
CA ALA D 51 -32.88 3.13 8.70
C ALA D 51 -33.95 2.18 8.17
N LEU D 52 -33.73 1.61 7.00
CA LEU D 52 -34.71 0.70 6.44
C LEU D 52 -34.94 -0.46 7.37
N ILE D 53 -33.86 -0.96 7.97
CA ILE D 53 -34.00 -2.09 8.86
C ILE D 53 -34.86 -1.78 10.07
N LYS D 54 -34.64 -0.61 10.69
CA LYS D 54 -35.41 -0.25 11.87
C LYS D 54 -36.82 0.19 11.50
N SER D 55 -36.96 1.01 10.45
CA SER D 55 -38.27 1.48 10.00
C SER D 55 -39.19 0.29 9.87
N PHE D 56 -38.68 -0.79 9.32
CA PHE D 56 -39.46 -2.00 9.18
C PHE D 56 -39.80 -2.56 10.57
N VAL D 57 -38.78 -2.81 11.38
CA VAL D 57 -38.96 -3.35 12.73
C VAL D 57 -39.98 -2.56 13.52
N ASP D 58 -39.77 -1.25 13.60
CA ASP D 58 -40.63 -0.37 14.36
C ASP D 58 -42.05 -0.22 13.85
N ASN D 59 -42.24 0.06 12.57
CA ASN D 59 -43.60 0.24 12.07
C ASN D 59 -44.38 -1.04 11.81
N ILE D 60 -43.70 -2.10 11.41
CA ILE D 60 -44.38 -3.35 11.10
C ILE D 60 -44.15 -4.49 12.06
N ILE D 61 -42.88 -4.81 12.30
CA ILE D 61 -42.51 -5.93 13.20
C ILE D 61 -43.09 -5.81 14.60
N MET D 62 -42.75 -4.73 15.29
CA MET D 62 -43.22 -4.54 16.65
C MET D 62 -44.73 -4.66 16.87
N PRO D 63 -45.57 -3.92 16.10
CA PRO D 63 -47.01 -4.03 16.32
C PRO D 63 -47.50 -5.48 16.23
N ILE D 64 -46.92 -6.25 15.32
CA ILE D 64 -47.26 -7.65 15.15
C ILE D 64 -46.84 -8.40 16.41
N ILE D 65 -45.65 -8.06 16.90
CA ILE D 65 -45.09 -8.67 18.10
C ILE D 65 -45.94 -8.31 19.32
N THR D 66 -46.39 -7.06 19.37
CA THR D 66 -47.15 -6.59 20.51
C THR D 66 -48.64 -6.23 20.26
N PRO D 67 -49.53 -7.25 20.26
CA PRO D 67 -50.96 -6.98 20.05
C PRO D 67 -51.58 -6.67 21.41
N PHE D 68 -50.91 -7.16 22.46
CA PHE D 68 -51.33 -6.97 23.84
C PHE D 68 -51.28 -5.48 24.24
N VAL D 69 -50.26 -4.75 23.76
CA VAL D 69 -50.20 -3.33 24.03
C VAL D 69 -51.25 -2.72 23.08
N PRO D 70 -51.99 -1.71 23.53
CA PRO D 70 -53.03 -1.14 22.64
C PRO D 70 -52.53 -0.16 21.57
N GLY D 71 -53.07 -0.31 20.37
CA GLY D 71 -52.73 0.55 19.24
C GLY D 71 -51.24 0.76 18.95
N GLY D 72 -50.44 -0.29 19.14
CA GLY D 72 -49.02 -0.21 18.93
C GLY D 72 -48.36 0.75 19.91
N GLY D 73 -48.76 0.64 21.16
CA GLY D 73 -48.19 1.49 22.20
C GLY D 73 -46.89 0.95 22.75
N TRP D 74 -46.38 -0.11 22.15
CA TRP D 74 -45.13 -0.72 22.59
C TRP D 74 -44.02 0.31 22.82
N GLU D 75 -44.00 1.35 22.00
CA GLU D 75 -43.00 2.40 22.14
C GLU D 75 -42.99 2.93 23.56
N THR D 76 -44.19 3.21 24.04
CA THR D 76 -44.36 3.76 25.36
C THR D 76 -44.71 2.70 26.41
N ALA D 77 -44.75 1.45 25.98
CA ALA D 77 -45.07 0.34 26.88
C ALA D 77 -44.18 0.45 28.11
N THR D 78 -44.75 0.20 29.27
CA THR D 78 -43.95 0.33 30.49
C THR D 78 -44.39 -0.58 31.62
N VAL D 79 -43.44 -0.91 32.51
CA VAL D 79 -43.69 -1.72 33.68
C VAL D 79 -43.10 -1.02 34.89
N GLU D 80 -43.85 -1.00 35.99
CA GLU D 80 -43.40 -0.36 37.22
C GLU D 80 -42.94 -1.37 38.26
N LEU D 81 -41.84 -1.04 38.93
CA LEU D 81 -41.28 -1.86 39.99
C LEU D 81 -41.12 -0.87 41.11
N GLY D 82 -42.09 -0.83 42.00
CA GLY D 82 -42.02 0.12 43.09
C GLY D 82 -41.99 1.47 42.39
N PRO D 83 -41.15 2.41 42.87
CA PRO D 83 -41.08 3.73 42.24
C PRO D 83 -40.24 3.73 40.95
N ILE D 84 -39.92 2.54 40.45
CA ILE D 84 -39.13 2.39 39.26
C ILE D 84 -40.00 2.22 38.03
N VAL D 85 -39.69 2.96 36.97
CA VAL D 85 -40.46 2.88 35.74
C VAL D 85 -39.54 2.50 34.59
N ILE D 86 -39.68 1.29 34.10
CA ILE D 86 -38.84 0.83 33.01
C ILE D 86 -39.57 0.69 31.68
N SER D 87 -39.25 1.58 30.76
CA SER D 87 -39.86 1.61 29.42
C SER D 87 -39.30 0.45 28.63
N TRP D 88 -39.72 -0.76 28.95
CA TRP D 88 -39.22 -1.95 28.28
C TRP D 88 -39.59 -2.02 26.79
N GLY D 89 -40.75 -1.48 26.42
CA GLY D 89 -41.18 -1.53 25.03
C GLY D 89 -40.14 -0.97 24.09
N ALA D 90 -39.67 0.23 24.42
CA ALA D 90 -38.64 0.89 23.63
C ALA D 90 -37.39 -0.01 23.53
N PHE D 91 -36.93 -0.52 24.67
CA PHE D 91 -35.75 -1.38 24.68
C PHE D 91 -36.00 -2.63 23.88
N LEU D 92 -37.17 -3.24 24.04
CA LEU D 92 -37.47 -4.46 23.30
C LEU D 92 -37.44 -4.19 21.79
N GLY D 93 -37.90 -3.01 21.39
CA GLY D 93 -37.90 -2.66 19.98
C GLY D 93 -36.50 -2.50 19.43
N GLU D 94 -35.58 -2.06 20.27
CA GLU D 94 -34.20 -1.90 19.89
C GLU D 94 -33.52 -3.25 19.90
N LEU D 95 -33.78 -4.02 20.95
CA LEU D 95 -33.21 -5.35 21.12
C LEU D 95 -33.53 -6.21 19.92
N VAL D 96 -34.78 -6.11 19.44
CA VAL D 96 -35.22 -6.88 18.28
C VAL D 96 -34.68 -6.25 16.99
N ASN D 97 -34.46 -4.95 17.03
CA ASN D 97 -33.92 -4.25 15.88
C ASN D 97 -32.51 -4.78 15.69
N PHE D 98 -31.72 -4.66 16.75
CA PHE D 98 -30.32 -5.11 16.80
C PHE D 98 -30.16 -6.54 16.35
N ILE D 99 -31.09 -7.40 16.75
CA ILE D 99 -31.06 -8.80 16.38
C ILE D 99 -31.26 -8.95 14.87
N ILE D 100 -32.16 -8.13 14.32
CA ILE D 100 -32.44 -8.16 12.88
C ILE D 100 -31.29 -7.54 12.09
N ILE D 101 -30.64 -6.52 12.65
CA ILE D 101 -29.52 -5.89 11.97
C ILE D 101 -28.31 -6.83 12.03
N ALA D 102 -28.14 -7.53 13.15
CA ALA D 102 -27.03 -8.46 13.34
C ALA D 102 -27.07 -9.55 12.26
N PHE D 103 -28.19 -10.24 12.16
CA PHE D 103 -28.33 -11.29 11.15
C PHE D 103 -28.03 -10.74 9.77
N ALA D 104 -28.45 -9.51 9.52
CA ALA D 104 -28.20 -8.87 8.25
C ALA D 104 -26.70 -8.80 8.01
N VAL D 105 -25.95 -8.39 9.04
CA VAL D 105 -24.51 -8.29 8.90
C VAL D 105 -23.83 -9.66 8.95
N PHE D 106 -24.36 -10.60 9.74
CA PHE D 106 -23.77 -11.94 9.80
C PHE D 106 -23.91 -12.55 8.42
N ILE D 107 -25.11 -12.41 7.85
CA ILE D 107 -25.43 -12.95 6.55
C ILE D 107 -24.75 -12.23 5.40
N ILE D 108 -24.63 -10.92 5.49
CA ILE D 108 -23.98 -10.17 4.43
C ILE D 108 -22.50 -10.58 4.43
N ALA D 109 -21.94 -10.89 5.60
CA ALA D 109 -20.54 -11.29 5.72
C ALA D 109 -20.30 -12.68 5.17
N LYS D 110 -21.30 -13.56 5.31
CA LYS D 110 -21.18 -14.93 4.81
C LYS D 110 -21.11 -14.95 3.30
N LYS D 111 -22.02 -14.26 2.62
CA LYS D 111 -22.06 -14.23 1.16
C LYS D 111 -20.86 -13.58 0.48
N VAL D 112 -20.15 -12.70 1.19
CA VAL D 112 -18.97 -12.07 0.62
C VAL D 112 -17.81 -13.05 0.81
N LEU D 113 -18.02 -14.01 1.69
CA LEU D 113 -17.03 -15.07 1.98
C LEU D 113 -17.07 -16.10 0.86
N GLN D 114 -18.26 -16.40 0.35
CA GLN D 114 -18.41 -17.38 -0.72
C GLN D 114 -17.87 -16.91 -2.06
N GLU D 115 -17.18 -15.76 -2.05
CA GLU D 115 -16.52 -15.23 -3.23
C GLU D 115 -15.59 -16.31 -3.78
N GLU D 116 -15.12 -17.17 -2.88
CA GLU D 116 -14.23 -18.28 -3.18
C GLU D 116 -15.00 -19.46 -3.78
N LYS D 117 -15.85 -19.12 -4.75
CA LYS D 117 -16.67 -20.08 -5.49
C LYS D 117 -15.69 -20.81 -6.41
N VAL D 118 -14.83 -19.99 -7.02
CA VAL D 118 -13.79 -20.37 -7.98
C VAL D 118 -14.05 -21.65 -8.79
N GLU D 119 -15.32 -22.01 -8.98
CA GLU D 119 -15.70 -23.18 -9.77
C GLU D 119 -16.24 -22.60 -11.08
N LYS D 120 -15.85 -21.35 -11.36
CA LYS D 120 -16.26 -20.56 -12.54
C LYS D 120 -15.47 -20.89 -13.79
N THR D 121 -14.35 -21.59 -13.58
CA THR D 121 -13.44 -22.08 -14.62
C THR D 121 -12.13 -21.31 -14.67
N LYS D 122 -11.05 -21.94 -14.20
CA LYS D 122 -9.72 -21.37 -14.23
C LYS D 122 -9.41 -20.74 -15.60
N LYS D 123 -8.80 -19.56 -15.58
CA LYS D 123 -8.47 -18.84 -16.81
C LYS D 123 -6.97 -18.68 -16.98
N VAL D 124 -6.45 -19.21 -18.08
CA VAL D 124 -5.04 -19.11 -18.38
C VAL D 124 -4.68 -18.03 -19.38
N GLY D 125 -3.52 -17.43 -19.19
CA GLY D 125 -3.07 -16.39 -20.08
C GLY D 125 -1.85 -16.86 -20.86
N ILE D 126 -1.85 -16.57 -22.15
CA ILE D 126 -0.75 -16.98 -23.00
C ILE D 126 -0.16 -15.75 -23.68
N VAL D 127 1.11 -15.50 -23.43
CA VAL D 127 1.78 -14.39 -24.04
C VAL D 127 2.94 -14.85 -24.85
N ASP D 128 3.01 -14.40 -26.10
CA ASP D 128 4.07 -14.78 -27.03
C ASP D 128 4.67 -13.61 -27.80
N THR D 129 5.55 -13.92 -28.75
CA THR D 129 6.22 -12.86 -29.49
C THR D 129 6.16 -12.88 -30.98
N THR D 130 6.19 -11.72 -31.61
CA THR D 130 6.21 -11.69 -33.05
C THR D 130 7.64 -12.03 -33.39
N PHE D 131 8.56 -11.48 -32.62
CA PHE D 131 9.99 -11.69 -32.80
C PHE D 131 10.33 -13.17 -32.90
N ALA D 132 9.68 -13.98 -32.06
CA ALA D 132 9.90 -15.41 -32.04
C ALA D 132 9.72 -16.12 -33.38
N ARG D 133 10.70 -16.93 -33.74
CA ARG D 133 10.62 -17.74 -34.96
C ARG D 133 9.37 -18.61 -34.97
N VAL D 134 9.25 -19.47 -33.97
CA VAL D 134 8.22 -20.52 -33.95
C VAL D 134 6.97 -20.17 -33.15
N ASP D 135 5.80 -20.58 -33.61
CA ASP D 135 4.58 -20.30 -32.87
C ASP D 135 4.26 -21.38 -31.86
N MET D 136 4.77 -21.22 -30.64
CA MET D 136 4.55 -22.18 -29.57
C MET D 136 3.17 -22.07 -28.97
N ALA D 137 2.61 -20.86 -29.07
CA ALA D 137 1.29 -20.61 -28.55
C ALA D 137 0.27 -21.68 -28.99
N SER D 138 0.22 -21.89 -30.31
CA SER D 138 -0.70 -22.85 -30.94
C SER D 138 -0.77 -24.18 -30.20
N ILE D 139 0.33 -24.92 -30.24
CA ILE D 139 0.44 -26.22 -29.58
C ILE D 139 -0.05 -26.12 -28.15
N ALA D 140 0.55 -25.18 -27.42
CA ALA D 140 0.24 -24.94 -26.04
C ALA D 140 -1.26 -24.81 -25.81
N ILE D 141 -1.89 -23.91 -26.55
CA ILE D 141 -3.31 -23.71 -26.40
C ILE D 141 -4.06 -25.02 -26.65
N LYS D 142 -3.70 -25.67 -27.75
CA LYS D 142 -4.34 -26.93 -28.10
C LYS D 142 -4.23 -27.86 -26.90
N LYS D 143 -3.01 -28.26 -26.58
CA LYS D 143 -2.76 -29.17 -25.47
C LYS D 143 -3.49 -28.80 -24.19
N LEU D 144 -3.74 -27.52 -23.99
CA LEU D 144 -4.43 -27.10 -22.79
C LEU D 144 -5.92 -27.38 -22.94
N LYS D 145 -6.48 -26.97 -24.07
CA LYS D 145 -7.89 -27.22 -24.30
C LYS D 145 -8.14 -28.73 -24.20
N GLU D 146 -7.18 -29.53 -24.69
CA GLU D 146 -7.28 -30.98 -24.66
C GLU D 146 -7.42 -31.50 -23.24
N LEU D 147 -6.43 -31.20 -22.40
CA LEU D 147 -6.40 -31.66 -21.00
C LEU D 147 -7.63 -31.25 -20.20
N SER D 148 -8.12 -30.05 -20.46
CA SER D 148 -9.28 -29.56 -19.77
C SER D 148 -10.06 -28.62 -20.68
N PRO D 149 -11.02 -29.17 -21.46
CA PRO D 149 -11.86 -28.39 -22.40
C PRO D 149 -12.59 -27.24 -21.72
N ASN D 150 -12.64 -27.29 -20.40
CA ASN D 150 -13.32 -26.26 -19.64
C ASN D 150 -12.53 -24.98 -19.34
N ILE D 151 -11.28 -24.86 -19.80
CA ILE D 151 -10.48 -23.66 -19.50
C ILE D 151 -10.76 -22.47 -20.42
N LYS D 152 -10.63 -21.28 -19.85
CA LYS D 152 -10.79 -20.06 -20.62
C LYS D 152 -9.39 -19.66 -21.00
N ILE D 153 -9.18 -19.28 -22.25
CA ILE D 153 -7.85 -18.89 -22.69
C ILE D 153 -7.78 -17.46 -23.21
N ILE D 154 -6.91 -16.67 -22.61
CA ILE D 154 -6.70 -15.30 -23.07
C ILE D 154 -5.33 -15.27 -23.70
N ARG D 155 -5.28 -14.67 -24.87
CA ARG D 155 -4.03 -14.59 -25.63
C ARG D 155 -3.70 -13.13 -25.93
N LYS D 156 -2.44 -12.76 -25.77
CA LYS D 156 -2.03 -11.42 -26.07
C LYS D 156 -0.65 -11.60 -26.61
N THR D 157 -0.27 -10.77 -27.56
CA THR D 157 1.05 -10.90 -28.12
C THR D 157 1.75 -9.58 -28.21
N VAL D 158 3.02 -9.60 -27.83
CA VAL D 158 3.88 -8.44 -27.88
C VAL D 158 5.04 -8.70 -28.80
N PRO D 159 5.64 -7.65 -29.34
CA PRO D 159 6.76 -7.79 -30.26
C PRO D 159 7.99 -8.48 -29.66
N GLY D 160 8.64 -7.88 -28.67
CA GLY D 160 9.87 -8.49 -28.15
C GLY D 160 9.74 -9.25 -26.85
N ILE D 161 10.78 -10.01 -26.49
CA ILE D 161 10.76 -10.77 -25.27
C ILE D 161 10.73 -9.79 -24.12
N LYS D 162 11.38 -8.65 -24.33
CA LYS D 162 11.42 -7.56 -23.36
C LYS D 162 10.03 -7.21 -22.85
N ASP D 163 9.02 -7.61 -23.61
CA ASP D 163 7.66 -7.25 -23.33
C ASP D 163 6.82 -8.25 -22.60
N LEU D 164 7.28 -9.49 -22.49
CA LEU D 164 6.52 -10.50 -21.76
C LEU D 164 6.08 -10.09 -20.34
N PRO D 165 7.04 -9.66 -19.49
CA PRO D 165 6.72 -9.28 -18.10
C PRO D 165 5.46 -8.44 -17.92
N VAL D 166 5.52 -7.18 -18.34
CA VAL D 166 4.40 -6.27 -18.22
C VAL D 166 3.15 -6.97 -18.72
N ALA D 167 3.30 -7.58 -19.89
CA ALA D 167 2.24 -8.30 -20.55
C ALA D 167 1.63 -9.31 -19.61
N CYS D 168 2.44 -10.24 -19.12
CA CYS D 168 1.93 -11.25 -18.20
C CYS D 168 1.26 -10.65 -16.94
N LYS D 169 2.03 -9.82 -16.25
CA LYS D 169 1.53 -9.18 -15.05
C LYS D 169 0.16 -8.55 -15.33
N LYS D 170 -0.06 -8.05 -16.55
CA LYS D 170 -1.34 -7.44 -16.89
C LYS D 170 -2.46 -8.46 -16.89
N LEU D 171 -2.24 -9.56 -17.59
CA LEU D 171 -3.23 -10.61 -17.69
C LEU D 171 -3.54 -11.13 -16.30
N LEU D 172 -2.49 -11.29 -15.51
CA LEU D 172 -2.66 -11.76 -14.16
C LEU D 172 -3.58 -10.85 -13.36
N GLU D 173 -3.31 -9.54 -13.40
CA GLU D 173 -4.09 -8.57 -12.65
C GLU D 173 -5.33 -8.09 -13.38
N GLU D 174 -5.13 -7.38 -14.47
CA GLU D 174 -6.27 -6.84 -15.22
C GLU D 174 -7.18 -7.86 -15.95
N GLU D 175 -6.66 -9.04 -16.29
CA GLU D 175 -7.46 -10.02 -17.02
C GLU D 175 -7.83 -11.28 -16.24
N GLY D 176 -7.81 -11.20 -14.94
CA GLY D 176 -8.18 -12.37 -14.14
C GLY D 176 -7.63 -13.74 -14.49
N CYS D 177 -6.48 -13.81 -15.13
CA CYS D 177 -5.91 -15.11 -15.42
C CYS D 177 -5.34 -15.72 -14.16
N ASP D 178 -5.48 -17.03 -14.00
CA ASP D 178 -4.99 -17.68 -12.79
C ASP D 178 -3.57 -18.12 -12.93
N ILE D 179 -3.14 -18.22 -14.17
CA ILE D 179 -1.78 -18.58 -14.45
C ILE D 179 -1.48 -18.08 -15.83
N VAL D 180 -0.21 -17.93 -16.12
CA VAL D 180 0.16 -17.40 -17.40
C VAL D 180 1.35 -18.14 -17.93
N MET D 181 1.41 -18.26 -19.24
CA MET D 181 2.53 -18.88 -19.89
C MET D 181 3.17 -17.81 -20.73
N ALA D 182 4.48 -17.68 -20.64
CA ALA D 182 5.18 -16.69 -21.43
C ALA D 182 6.09 -17.44 -22.37
N LEU D 183 5.76 -17.41 -23.65
CA LEU D 183 6.51 -18.14 -24.66
C LEU D 183 7.49 -17.22 -25.40
N GLY D 184 8.77 -17.53 -25.30
CA GLY D 184 9.74 -16.69 -25.98
C GLY D 184 10.89 -17.40 -26.64
N MET D 185 11.54 -16.68 -27.55
CA MET D 185 12.64 -17.25 -28.25
C MET D 185 13.80 -16.28 -28.23
N PRO D 186 14.57 -16.26 -27.14
CA PRO D 186 15.70 -15.35 -27.08
C PRO D 186 16.69 -15.70 -28.16
N GLY D 187 17.34 -14.69 -28.74
CA GLY D 187 18.27 -14.91 -29.83
C GLY D 187 19.53 -15.69 -29.52
N LYS D 188 20.40 -15.80 -30.52
CA LYS D 188 21.66 -16.53 -30.38
C LYS D 188 22.78 -15.60 -29.93
N ALA D 189 22.65 -14.34 -30.31
CA ALA D 189 23.65 -13.30 -29.97
C ALA D 189 23.80 -13.10 -28.47
N GLU D 190 24.98 -12.71 -28.00
CA GLU D 190 25.16 -12.48 -26.57
C GLU D 190 24.37 -11.24 -26.20
N LYS D 191 24.01 -10.43 -27.20
CA LYS D 191 23.20 -9.25 -26.94
C LYS D 191 21.83 -9.75 -26.58
N ASP D 192 21.43 -10.85 -27.21
CA ASP D 192 20.13 -11.46 -26.95
C ASP D 192 20.13 -12.11 -25.58
N LYS D 193 21.22 -12.77 -25.21
CA LYS D 193 21.33 -13.47 -23.94
C LYS D 193 21.06 -12.59 -22.72
N VAL D 194 21.52 -11.35 -22.77
CA VAL D 194 21.33 -10.44 -21.66
C VAL D 194 19.88 -10.03 -21.58
N CYS D 195 19.24 -9.78 -22.72
CA CYS D 195 17.82 -9.40 -22.76
C CYS D 195 16.92 -10.53 -22.28
N ALA D 196 17.34 -11.77 -22.52
CA ALA D 196 16.58 -12.92 -22.11
C ALA D 196 16.62 -13.09 -20.60
N HIS D 197 17.81 -12.97 -20.01
CA HIS D 197 17.99 -13.08 -18.56
C HIS D 197 17.16 -12.01 -17.88
N GLU D 198 17.42 -10.77 -18.25
CA GLU D 198 16.72 -9.59 -17.74
C GLU D 198 15.21 -9.78 -17.83
N ALA D 199 14.75 -10.38 -18.91
CA ALA D 199 13.34 -10.63 -19.13
C ALA D 199 12.85 -11.60 -18.11
N SER D 200 13.47 -12.77 -18.10
CA SER D 200 13.11 -13.83 -17.17
C SER D 200 12.97 -13.29 -15.75
N LEU D 201 13.97 -12.50 -15.36
CA LEU D 201 14.00 -11.91 -14.06
C LEU D 201 12.77 -11.06 -13.84
N GLY D 202 12.30 -10.40 -14.89
CA GLY D 202 11.11 -9.57 -14.75
C GLY D 202 9.95 -10.46 -14.40
N LEU D 203 9.86 -11.57 -15.12
CA LEU D 203 8.81 -12.53 -14.90
C LEU D 203 8.85 -12.96 -13.45
N MET D 204 10.06 -13.01 -12.88
CA MET D 204 10.24 -13.38 -11.49
C MET D 204 9.40 -12.45 -10.63
N LEU D 205 9.73 -11.17 -10.73
CA LEU D 205 9.06 -10.12 -9.98
C LEU D 205 7.59 -10.18 -10.25
N ALA D 206 7.20 -10.19 -11.54
CA ALA D 206 5.78 -10.25 -11.90
C ALA D 206 5.02 -11.29 -11.07
N GLN D 207 5.59 -12.49 -10.96
CA GLN D 207 4.98 -13.58 -10.19
C GLN D 207 4.88 -13.23 -8.73
N LEU D 208 6.00 -12.74 -8.18
CA LEU D 208 6.08 -12.36 -6.79
C LEU D 208 5.12 -11.24 -6.43
N MET D 209 4.96 -10.27 -7.32
CA MET D 209 4.07 -9.15 -7.05
C MET D 209 2.63 -9.62 -7.10
N THR D 210 2.34 -10.62 -7.94
CA THR D 210 0.98 -11.12 -8.11
C THR D 210 0.59 -12.36 -7.32
N ASN D 211 1.59 -13.13 -6.89
CA ASN D 211 1.33 -14.37 -6.15
C ASN D 211 0.64 -15.37 -7.08
N LYS D 212 1.03 -15.35 -8.34
CA LYS D 212 0.49 -16.25 -9.35
C LYS D 212 1.65 -16.74 -10.17
N HIS D 213 1.51 -17.91 -10.77
CA HIS D 213 2.60 -18.43 -11.57
C HIS D 213 2.57 -17.96 -13.01
N ILE D 214 3.76 -17.80 -13.54
CA ILE D 214 3.92 -17.42 -14.92
C ILE D 214 4.83 -18.53 -15.36
N ILE D 215 4.35 -19.42 -16.21
CA ILE D 215 5.22 -20.47 -16.65
C ILE D 215 6.01 -20.01 -17.83
N GLU D 216 7.30 -19.86 -17.56
CA GLU D 216 8.27 -19.41 -18.52
C GLU D 216 8.66 -20.57 -19.39
N VAL D 217 8.78 -20.30 -20.68
CA VAL D 217 9.14 -21.31 -21.65
C VAL D 217 9.91 -20.59 -22.71
N PHE D 218 11.22 -20.51 -22.51
CA PHE D 218 12.11 -19.84 -23.45
C PHE D 218 12.94 -20.88 -24.18
N VAL D 219 13.05 -20.71 -25.49
CA VAL D 219 13.83 -21.62 -26.31
C VAL D 219 14.83 -20.85 -27.14
N HIS D 220 16.09 -20.89 -26.71
CA HIS D 220 17.14 -20.15 -27.40
C HIS D 220 17.39 -20.73 -28.80
N GLU D 221 17.49 -19.85 -29.80
CA GLU D 221 17.72 -20.28 -31.15
C GLU D 221 18.89 -21.21 -31.22
N ASP D 222 19.89 -20.98 -30.39
CA ASP D 222 21.11 -21.79 -30.37
C ASP D 222 21.01 -23.16 -29.71
N GLU D 223 19.93 -23.42 -28.99
CA GLU D 223 19.77 -24.71 -28.31
C GLU D 223 19.65 -25.81 -29.34
N ALA D 224 19.11 -25.45 -30.51
CA ALA D 224 18.90 -26.37 -31.61
C ALA D 224 19.78 -25.98 -32.80
N LYS D 225 20.31 -26.97 -33.48
CA LYS D 225 21.20 -26.76 -34.61
C LYS D 225 20.60 -26.16 -35.90
N ASP D 226 19.35 -26.50 -36.22
CA ASP D 226 18.71 -26.01 -37.47
C ASP D 226 17.24 -25.64 -37.32
N ASP D 227 16.64 -25.13 -38.40
CA ASP D 227 15.24 -24.74 -38.36
C ASP D 227 14.30 -25.91 -38.08
N LYS D 228 14.62 -27.08 -38.60
CA LYS D 228 13.78 -28.25 -38.38
C LYS D 228 13.72 -28.60 -36.89
N GLU D 229 14.88 -28.62 -36.24
CA GLU D 229 14.94 -28.92 -34.81
C GLU D 229 14.32 -27.79 -34.01
N LEU D 230 14.77 -26.56 -34.27
CA LEU D 230 14.27 -25.39 -33.55
C LEU D 230 12.76 -25.51 -33.49
N ASP D 231 12.12 -25.66 -34.63
CA ASP D 231 10.68 -25.76 -34.65
C ASP D 231 10.17 -26.95 -33.91
N TRP D 232 10.83 -28.10 -34.04
CA TRP D 232 10.35 -29.26 -33.34
C TRP D 232 10.50 -29.06 -31.85
N LEU D 233 11.73 -28.75 -31.44
CA LEU D 233 12.06 -28.57 -30.03
C LEU D 233 11.11 -27.63 -29.33
N ALA D 234 10.95 -26.46 -29.91
CA ALA D 234 10.07 -25.46 -29.32
C ALA D 234 8.67 -26.01 -29.07
N LYS D 235 8.08 -26.63 -30.08
CA LYS D 235 6.74 -27.15 -29.97
C LYS D 235 6.61 -28.23 -28.90
N ARG D 236 7.65 -29.06 -28.72
CA ARG D 236 7.60 -30.10 -27.71
C ARG D 236 7.56 -29.48 -26.33
N ARG D 237 8.51 -28.60 -26.04
CA ARG D 237 8.57 -27.90 -24.77
C ARG D 237 7.24 -27.21 -24.47
N ALA D 238 6.77 -26.38 -25.40
CA ALA D 238 5.53 -25.65 -25.22
C ALA D 238 4.46 -26.62 -24.73
N GLU D 239 4.44 -27.80 -25.33
CA GLU D 239 3.49 -28.84 -25.00
C GLU D 239 3.73 -29.25 -23.56
N GLU D 240 4.95 -29.71 -23.28
CA GLU D 240 5.35 -30.15 -21.95
C GLU D 240 5.00 -29.17 -20.83
N HIS D 241 5.27 -27.88 -21.05
CA HIS D 241 4.94 -26.90 -20.03
C HIS D 241 3.44 -26.74 -19.94
N ALA D 242 2.75 -26.77 -21.07
CA ALA D 242 1.30 -26.62 -21.09
C ALA D 242 0.68 -27.67 -20.15
N GLU D 243 1.31 -28.84 -20.10
CA GLU D 243 0.85 -29.91 -19.23
C GLU D 243 0.98 -29.47 -17.78
N ASN D 244 2.11 -28.85 -17.45
CA ASN D 244 2.37 -28.36 -16.10
C ASN D 244 1.33 -27.36 -15.67
N VAL D 245 0.99 -26.46 -16.60
CA VAL D 245 -0.02 -25.45 -16.34
C VAL D 245 -1.23 -26.20 -15.85
N TYR D 246 -1.50 -27.31 -16.53
CA TYR D 246 -2.63 -28.20 -16.21
C TYR D 246 -2.49 -28.76 -14.80
N TYR D 247 -1.33 -29.34 -14.52
CA TYR D 247 -1.06 -29.94 -13.23
C TYR D 247 -1.13 -28.98 -12.07
N LEU D 248 -0.25 -27.97 -12.08
CA LEU D 248 -0.23 -26.97 -11.01
C LEU D 248 -1.65 -26.48 -10.81
N LEU D 249 -2.35 -26.28 -11.91
CA LEU D 249 -3.70 -25.76 -11.92
C LEU D 249 -4.85 -26.71 -11.49
N PHE D 250 -4.75 -28.01 -11.80
CA PHE D 250 -5.85 -28.93 -11.47
C PHE D 250 -5.55 -30.10 -10.54
N LYS D 251 -4.49 -30.83 -10.83
CA LYS D 251 -4.13 -31.99 -10.03
C LYS D 251 -2.73 -31.81 -9.44
N PRO D 252 -2.61 -30.87 -8.50
CA PRO D 252 -1.36 -30.54 -7.80
C PRO D 252 -0.87 -31.71 -6.95
N GLU D 253 -1.79 -32.57 -6.54
CA GLU D 253 -1.43 -33.74 -5.74
C GLU D 253 -0.54 -34.68 -6.56
N TYR D 254 -0.78 -34.70 -7.87
CA TYR D 254 0.07 -35.46 -8.78
C TYR D 254 1.53 -35.04 -8.65
N LEU D 255 1.78 -33.74 -8.80
CA LEU D 255 3.15 -33.23 -8.75
C LEU D 255 3.94 -33.71 -7.50
N THR D 256 3.30 -33.69 -6.35
CA THR D 256 3.98 -34.12 -5.12
C THR D 256 4.34 -35.60 -5.18
N ARG D 257 3.50 -36.35 -5.88
CA ARG D 257 3.73 -37.77 -6.06
C ARG D 257 5.00 -37.90 -6.87
N MET D 258 5.17 -37.00 -7.82
CA MET D 258 6.35 -37.00 -8.68
C MET D 258 7.52 -36.27 -8.02
N ALA D 259 7.32 -35.84 -6.78
CA ALA D 259 8.33 -35.12 -6.01
C ALA D 259 9.68 -35.83 -5.83
N GLY D 260 10.75 -35.14 -6.17
CA GLY D 260 12.09 -35.70 -6.04
C GLY D 260 12.23 -36.96 -6.86
N LYS D 261 11.47 -37.04 -7.95
CA LYS D 261 11.50 -38.20 -8.84
C LYS D 261 12.34 -37.93 -10.10
N GLY D 262 13.16 -36.88 -10.05
CA GLY D 262 14.00 -36.47 -11.17
C GLY D 262 13.35 -36.55 -12.55
N LEU D 263 12.07 -36.20 -12.60
CA LEU D 263 11.28 -36.24 -13.84
C LEU D 263 11.85 -35.39 -14.97
N ARG D 264 12.81 -34.55 -14.63
CA ARG D 264 13.49 -33.65 -15.56
C ARG D 264 13.54 -34.13 -17.02
N LEU E 23 -29.26 -2.10 -13.82
CA LEU E 23 -28.33 -1.06 -13.30
C LEU E 23 -27.74 -1.44 -11.95
N PHE E 24 -28.30 -2.49 -11.35
CA PHE E 24 -27.83 -2.98 -10.04
C PHE E 24 -26.36 -3.40 -10.07
N SER E 25 -25.99 -4.07 -11.16
CA SER E 25 -24.63 -4.58 -11.34
C SER E 25 -23.45 -3.61 -11.14
N GLU E 26 -23.46 -2.46 -11.85
CA GLU E 26 -22.38 -1.47 -11.73
C GLU E 26 -22.01 -1.23 -10.27
N PHE E 27 -23.05 -1.09 -9.46
CA PHE E 27 -22.89 -0.88 -8.04
C PHE E 27 -22.14 -2.05 -7.38
N LYS E 28 -22.56 -3.27 -7.67
CA LYS E 28 -21.91 -4.46 -7.11
C LYS E 28 -20.43 -4.57 -7.47
N GLU E 29 -20.14 -4.37 -8.75
CA GLU E 29 -18.76 -4.44 -9.21
C GLU E 29 -17.99 -3.29 -8.59
N PHE E 30 -18.64 -2.14 -8.49
CA PHE E 30 -18.05 -0.95 -7.90
C PHE E 30 -17.56 -1.27 -6.49
N LEU E 31 -18.43 -1.90 -5.70
CA LEU E 31 -18.12 -2.28 -4.32
C LEU E 31 -16.93 -3.26 -4.28
N TYR E 32 -16.93 -4.18 -5.21
CA TYR E 32 -15.86 -5.17 -5.29
C TYR E 32 -14.51 -4.49 -5.54
N GLU E 33 -14.46 -3.65 -6.56
CA GLU E 33 -13.24 -2.95 -6.92
C GLU E 33 -12.68 -2.05 -5.83
N TYR E 34 -13.54 -1.28 -5.17
CA TYR E 34 -13.08 -0.38 -4.13
C TYR E 34 -13.19 -0.90 -2.70
N LYS E 35 -13.68 -2.14 -2.55
CA LYS E 35 -13.84 -2.76 -1.24
C LYS E 35 -14.51 -1.80 -0.26
N VAL E 36 -15.67 -1.29 -0.66
CA VAL E 36 -16.46 -0.34 0.11
C VAL E 36 -17.32 -1.07 1.13
N ILE E 37 -17.82 -2.23 0.72
CA ILE E 37 -18.68 -3.07 1.55
C ILE E 37 -18.24 -3.27 3.01
N PRO E 38 -16.98 -3.68 3.27
CA PRO E 38 -16.54 -3.90 4.67
C PRO E 38 -16.40 -2.57 5.41
N LEU E 39 -16.19 -1.50 4.64
CA LEU E 39 -16.09 -0.16 5.19
C LEU E 39 -17.42 0.18 5.84
N ALA E 40 -18.49 -0.04 5.08
CA ALA E 40 -19.85 0.22 5.52
C ALA E 40 -20.27 -0.61 6.73
N ILE E 41 -19.86 -1.87 6.77
CA ILE E 41 -20.22 -2.73 7.89
C ILE E 41 -19.74 -2.10 9.19
N ALA E 42 -18.73 -1.25 9.10
CA ALA E 42 -18.25 -0.59 10.30
C ALA E 42 -19.36 0.32 10.74
N PHE E 43 -19.94 1.05 9.78
CA PHE E 43 -21.04 1.97 10.06
C PHE E 43 -22.08 1.29 10.88
N ILE E 44 -22.78 0.38 10.22
CA ILE E 44 -23.83 -0.39 10.84
C ILE E 44 -23.46 -0.73 12.29
N MET E 45 -22.32 -1.42 12.50
CA MET E 45 -21.89 -1.80 13.84
C MET E 45 -21.71 -0.60 14.75
N GLY E 46 -21.11 0.47 14.24
CA GLY E 46 -20.91 1.65 15.04
C GLY E 46 -22.27 2.21 15.46
N ILE E 47 -23.11 2.47 14.47
CA ILE E 47 -24.46 3.00 14.71
C ILE E 47 -25.30 2.09 15.62
N ALA E 48 -25.56 0.87 15.16
CA ALA E 48 -26.37 -0.10 15.91
C ALA E 48 -25.89 -0.40 17.34
N SER E 49 -24.59 -0.48 17.57
CA SER E 49 -24.10 -0.75 18.92
C SER E 49 -24.22 0.51 19.78
N THR E 50 -24.14 1.68 19.13
CA THR E 50 -24.27 2.93 19.85
C THR E 50 -25.68 3.05 20.40
N ALA E 51 -26.67 2.76 19.56
CA ALA E 51 -28.07 2.83 19.95
C ALA E 51 -28.45 1.78 21.00
N LEU E 52 -28.12 0.52 20.76
CA LEU E 52 -28.44 -0.54 21.71
C LEU E 52 -27.87 -0.23 23.08
N ILE E 53 -26.66 0.32 23.13
CA ILE E 53 -26.04 0.62 24.40
C ILE E 53 -26.79 1.72 25.15
N LYS E 54 -27.27 2.74 24.44
CA LYS E 54 -27.98 3.84 25.10
C LYS E 54 -29.42 3.44 25.39
N SER E 55 -30.08 2.82 24.41
CA SER E 55 -31.45 2.39 24.61
C SER E 55 -31.54 1.63 25.91
N PHE E 56 -30.53 0.79 26.18
CA PHE E 56 -30.50 0.03 27.42
C PHE E 56 -30.32 0.95 28.60
N VAL E 57 -29.31 1.80 28.55
CA VAL E 57 -29.04 2.72 29.65
C VAL E 57 -30.25 3.59 29.96
N ASP E 58 -30.80 4.24 28.94
CA ASP E 58 -31.94 5.13 29.10
C ASP E 58 -33.24 4.51 29.57
N ASN E 59 -33.67 3.44 28.91
CA ASN E 59 -34.92 2.82 29.30
C ASN E 59 -34.86 1.94 30.52
N ILE E 60 -33.76 1.23 30.75
CA ILE E 60 -33.69 0.33 31.90
C ILE E 60 -32.75 0.78 33.00
N ILE E 61 -31.52 1.10 32.64
CA ILE E 61 -30.52 1.51 33.62
C ILE E 61 -30.93 2.69 34.46
N MET E 62 -31.17 3.82 33.81
CA MET E 62 -31.54 5.03 34.52
C MET E 62 -32.69 4.90 35.50
N PRO E 63 -33.85 4.38 35.06
CA PRO E 63 -34.94 4.29 36.01
C PRO E 63 -34.49 3.56 37.28
N ILE E 64 -33.75 2.47 37.12
CA ILE E 64 -33.27 1.73 38.27
C ILE E 64 -32.39 2.62 39.10
N ILE E 65 -31.58 3.41 38.44
CA ILE E 65 -30.67 4.34 39.11
C ILE E 65 -31.46 5.42 39.81
N THR E 66 -32.54 5.88 39.20
CA THR E 66 -33.29 6.97 39.77
C THR E 66 -34.72 6.67 40.19
N PRO E 67 -34.90 6.09 41.39
CA PRO E 67 -36.24 5.78 41.85
C PRO E 67 -36.80 7.04 42.50
N PHE E 68 -35.89 7.89 42.95
CA PHE E 68 -36.24 9.13 43.62
C PHE E 68 -36.98 10.09 42.69
N VAL E 69 -36.60 10.14 41.42
CA VAL E 69 -37.32 10.98 40.49
C VAL E 69 -38.59 10.20 40.20
N PRO E 70 -39.73 10.87 40.01
CA PRO E 70 -40.98 10.13 39.77
C PRO E 70 -41.19 9.65 38.35
N GLY E 71 -41.66 8.41 38.22
CA GLY E 71 -41.93 7.83 36.91
C GLY E 71 -40.84 7.86 35.86
N GLY E 72 -39.59 7.80 36.29
CA GLY E 72 -38.48 7.86 35.37
C GLY E 72 -38.37 9.25 34.76
N GLY E 73 -38.61 10.26 35.58
CA GLY E 73 -38.55 11.63 35.10
C GLY E 73 -37.12 12.12 35.03
N TRP E 74 -36.17 11.22 35.29
CA TRP E 74 -34.77 11.58 35.26
C TRP E 74 -34.45 12.43 34.05
N GLU E 75 -35.03 12.09 32.90
CA GLU E 75 -34.78 12.83 31.67
C GLU E 75 -34.97 14.33 31.86
N THR E 76 -36.02 14.68 32.57
CA THR E 76 -36.33 16.07 32.79
C THR E 76 -35.93 16.50 34.18
N ALA E 77 -35.32 15.58 34.93
CA ALA E 77 -34.88 15.87 36.29
C ALA E 77 -34.13 17.20 36.27
N THR E 78 -34.32 18.03 37.28
CA THR E 78 -33.63 19.30 37.30
C THR E 78 -33.39 19.88 38.67
N VAL E 79 -32.36 20.70 38.80
CA VAL E 79 -31.99 21.37 40.04
C VAL E 79 -31.75 22.83 39.74
N GLU E 80 -32.25 23.70 40.59
CA GLU E 80 -32.07 25.13 40.39
C GLU E 80 -31.01 25.69 41.33
N LEU E 81 -30.24 26.65 40.83
CA LEU E 81 -29.21 27.33 41.60
C LEU E 81 -29.49 28.78 41.30
N GLY E 82 -30.21 29.43 42.20
CA GLY E 82 -30.59 30.80 41.94
C GLY E 82 -31.41 30.77 40.66
N PRO E 83 -31.17 31.69 39.73
CA PRO E 83 -31.95 31.69 38.48
C PRO E 83 -31.41 30.69 37.47
N ILE E 84 -30.55 29.79 37.92
CA ILE E 84 -29.94 28.81 37.06
C ILE E 84 -30.69 27.50 37.08
N VAL E 85 -30.89 26.90 35.91
CA VAL E 85 -31.61 25.66 35.85
C VAL E 85 -30.79 24.62 35.11
N ILE E 86 -30.26 23.66 35.87
CA ILE E 86 -29.43 22.63 35.29
C ILE E 86 -30.04 21.27 35.16
N SER E 87 -30.33 20.90 33.94
CA SER E 87 -30.98 19.62 33.65
C SER E 87 -29.99 18.49 33.86
N TRP E 88 -29.65 18.21 35.11
CA TRP E 88 -28.68 17.18 35.43
C TRP E 88 -29.04 15.76 35.06
N GLY E 89 -30.32 15.43 35.12
CA GLY E 89 -30.73 14.09 34.79
C GLY E 89 -30.28 13.68 33.41
N ALA E 90 -30.54 14.54 32.43
CA ALA E 90 -30.17 14.28 31.06
C ALA E 90 -28.68 14.04 30.98
N PHE E 91 -27.91 14.92 31.59
CA PHE E 91 -26.47 14.79 31.58
C PHE E 91 -26.05 13.51 32.25
N LEU E 92 -26.61 13.24 33.42
CA LEU E 92 -26.26 12.04 34.16
C LEU E 92 -26.55 10.81 33.32
N GLY E 93 -27.62 10.87 32.54
CA GLY E 93 -27.97 9.75 31.71
C GLY E 93 -26.94 9.52 30.62
N GLU E 94 -26.35 10.60 30.14
CA GLU E 94 -25.34 10.53 29.10
C GLU E 94 -24.01 10.09 29.69
N LEU E 95 -23.65 10.71 30.81
CA LEU E 95 -22.41 10.43 31.52
C LEU E 95 -22.33 8.95 31.83
N VAL E 96 -23.45 8.36 32.23
CA VAL E 96 -23.50 6.93 32.54
C VAL E 96 -23.58 6.11 31.26
N ASN E 97 -24.05 6.74 30.20
CA ASN E 97 -24.13 6.08 28.92
C ASN E 97 -22.69 5.93 28.45
N PHE E 98 -22.02 7.07 28.37
CA PHE E 98 -20.63 7.18 27.97
C PHE E 98 -19.72 6.19 28.72
N ILE E 99 -19.95 6.07 30.03
CA ILE E 99 -19.16 5.17 30.87
C ILE E 99 -19.41 3.74 30.45
N ILE E 100 -20.64 3.41 30.10
CA ILE E 100 -20.95 2.06 29.68
C ILE E 100 -20.39 1.79 28.30
N ILE E 101 -20.39 2.83 27.46
CA ILE E 101 -19.87 2.66 26.10
C ILE E 101 -18.35 2.53 26.16
N ALA E 102 -17.72 3.32 27.02
CA ALA E 102 -16.27 3.29 27.17
C ALA E 102 -15.81 1.88 27.50
N PHE E 103 -16.32 1.31 28.59
CA PHE E 103 -15.94 -0.05 28.97
C PHE E 103 -16.17 -1.01 27.83
N ALA E 104 -17.20 -0.75 27.03
CA ALA E 104 -17.48 -1.62 25.90
C ALA E 104 -16.30 -1.56 24.97
N VAL E 105 -15.82 -0.35 24.71
CA VAL E 105 -14.68 -0.18 23.82
C VAL E 105 -13.35 -0.59 24.47
N PHE E 106 -13.15 -0.31 25.76
CA PHE E 106 -11.91 -0.71 26.41
C PHE E 106 -11.82 -2.22 26.34
N ILE E 107 -12.92 -2.88 26.69
CA ILE E 107 -12.99 -4.33 26.70
C ILE E 107 -12.92 -4.96 25.33
N ILE E 108 -13.55 -4.34 24.34
CA ILE E 108 -13.51 -4.88 23.01
C ILE E 108 -12.07 -4.78 22.50
N ALA E 109 -11.34 -3.77 22.94
CA ALA E 109 -9.96 -3.55 22.52
C ALA E 109 -9.01 -4.54 23.16
N LYS E 110 -9.30 -4.94 24.40
CA LYS E 110 -8.45 -5.90 25.12
C LYS E 110 -8.50 -7.28 24.48
N LYS E 111 -9.70 -7.74 24.15
CA LYS E 111 -9.87 -9.07 23.56
C LYS E 111 -9.34 -9.22 22.14
N VAL E 112 -9.18 -8.11 21.42
CA VAL E 112 -8.62 -8.17 20.07
C VAL E 112 -7.10 -8.20 20.23
N LEU E 113 -6.63 -7.85 21.42
CA LEU E 113 -5.20 -7.84 21.77
C LEU E 113 -4.74 -9.28 22.07
N GLN E 114 -5.58 -10.04 22.75
CA GLN E 114 -5.27 -11.45 23.11
C GLN E 114 -5.49 -12.47 22.02
N GLU E 115 -6.50 -12.25 21.18
CA GLU E 115 -6.79 -13.19 20.11
C GLU E 115 -5.82 -12.95 18.96
N GLU E 116 -5.27 -11.73 18.89
CA GLU E 116 -4.29 -11.37 17.85
C GLU E 116 -2.85 -11.61 18.32
N LYS E 117 -2.48 -10.93 19.39
CA LYS E 117 -1.13 -11.05 19.98
C LYS E 117 -0.68 -12.48 20.31
N VAL E 118 -1.60 -13.32 20.79
CA VAL E 118 -1.24 -14.70 21.17
C VAL E 118 -0.95 -15.63 20.00
N GLU E 119 0.06 -16.48 20.21
CA GLU E 119 0.56 -17.43 19.22
C GLU E 119 -0.20 -18.75 19.08
N LYS E 120 0.17 -19.49 18.04
CA LYS E 120 -0.43 -20.77 17.68
C LYS E 120 0.71 -21.76 17.51
N THR E 121 0.36 -22.99 17.15
CA THR E 121 1.37 -24.00 16.86
C THR E 121 1.99 -23.54 15.55
N LYS E 122 3.28 -23.25 15.59
CA LYS E 122 4.00 -22.81 14.42
C LYS E 122 3.70 -23.72 13.21
N LYS E 123 3.49 -23.11 12.04
CA LYS E 123 3.24 -23.83 10.79
C LYS E 123 4.34 -23.64 9.76
N VAL E 124 5.01 -24.73 9.40
CA VAL E 124 6.10 -24.67 8.42
C VAL E 124 5.58 -25.02 7.03
N GLY E 125 6.18 -24.39 6.03
CA GLY E 125 5.84 -24.65 4.64
C GLY E 125 7.02 -25.35 3.96
N ILE E 126 6.71 -26.39 3.20
CA ILE E 126 7.75 -27.12 2.48
C ILE E 126 7.43 -27.16 1.00
N VAL E 127 8.34 -26.60 0.22
CA VAL E 127 8.20 -26.53 -1.22
C VAL E 127 9.38 -27.22 -1.87
N ASP E 128 9.04 -28.12 -2.79
CA ASP E 128 10.02 -28.91 -3.53
C ASP E 128 9.68 -29.04 -5.01
N THR E 129 10.51 -29.81 -5.67
CA THR E 129 10.39 -29.95 -7.10
C THR E 129 10.22 -31.37 -7.64
N THR E 130 9.54 -31.47 -8.79
CA THR E 130 9.40 -32.74 -9.47
C THR E 130 10.77 -32.90 -10.10
N PHE E 131 11.17 -31.86 -10.82
CA PHE E 131 12.45 -31.78 -11.50
C PHE E 131 13.60 -32.37 -10.68
N ALA E 132 13.62 -32.06 -9.39
CA ALA E 132 14.67 -32.52 -8.46
C ALA E 132 14.83 -34.04 -8.47
N ARG E 133 16.08 -34.49 -8.55
CA ARG E 133 16.41 -35.91 -8.46
C ARG E 133 15.96 -36.48 -7.12
N VAL E 134 16.56 -35.97 -6.04
CA VAL E 134 16.37 -36.59 -4.72
C VAL E 134 15.23 -35.96 -3.95
N ASP E 135 14.49 -36.76 -3.21
CA ASP E 135 13.39 -36.22 -2.44
C ASP E 135 13.86 -35.85 -1.02
N MET E 136 14.22 -34.59 -0.85
CA MET E 136 14.70 -34.06 0.43
C MET E 136 13.55 -33.73 1.39
N ALA E 137 12.36 -33.44 0.83
CA ALA E 137 11.17 -33.10 1.61
C ALA E 137 10.96 -34.13 2.73
N SER E 138 11.04 -35.39 2.35
CA SER E 138 10.86 -36.51 3.25
C SER E 138 11.65 -36.36 4.55
N ILE E 139 12.98 -36.52 4.44
CA ILE E 139 13.92 -36.40 5.57
C ILE E 139 13.57 -35.19 6.41
N ALA E 140 13.55 -34.05 5.73
CA ALA E 140 13.25 -32.76 6.31
C ALA E 140 11.98 -32.82 7.16
N ILE E 141 10.87 -33.26 6.55
CA ILE E 141 9.60 -33.33 7.27
C ILE E 141 9.72 -34.26 8.49
N LYS E 142 10.39 -35.39 8.30
CA LYS E 142 10.60 -36.35 9.36
C LYS E 142 11.35 -35.64 10.49
N LYS E 143 12.60 -35.26 10.21
CA LYS E 143 13.44 -34.55 11.17
C LYS E 143 12.77 -33.38 11.88
N LEU E 144 11.80 -32.73 11.21
CA LEU E 144 11.07 -31.60 11.79
C LEU E 144 10.03 -32.10 12.80
N LYS E 145 9.28 -33.12 12.39
CA LYS E 145 8.25 -33.71 13.25
C LYS E 145 8.93 -34.28 14.51
N GLU E 146 10.12 -34.83 14.33
CA GLU E 146 10.91 -35.41 15.41
C GLU E 146 11.24 -34.38 16.48
N LEU E 147 11.92 -33.31 16.07
CA LEU E 147 12.33 -32.22 16.95
C LEU E 147 11.18 -31.58 17.70
N SER E 148 10.06 -31.40 17.00
CA SER E 148 8.88 -30.83 17.60
C SER E 148 7.64 -31.46 16.96
N PRO E 149 7.14 -32.54 17.55
CA PRO E 149 5.96 -33.26 17.06
C PRO E 149 4.71 -32.36 16.93
N ASN E 150 4.76 -31.19 17.56
CA ASN E 150 3.64 -30.26 17.55
C ASN E 150 3.53 -29.32 16.34
N ILE E 151 4.46 -29.41 15.39
CA ILE E 151 4.42 -28.51 14.22
C ILE E 151 3.42 -28.94 13.14
N LYS E 152 2.85 -27.95 12.46
CA LYS E 152 1.95 -28.20 11.36
C LYS E 152 2.84 -28.12 10.14
N ILE E 153 2.62 -29.01 9.18
CA ILE E 153 3.40 -28.99 7.96
C ILE E 153 2.51 -28.87 6.73
N ILE E 154 2.79 -27.87 5.91
CA ILE E 154 2.09 -27.72 4.64
C ILE E 154 3.15 -28.06 3.60
N ARG E 155 2.73 -28.87 2.64
CA ARG E 155 3.61 -29.28 1.57
C ARG E 155 2.97 -28.87 0.24
N LYS E 156 3.76 -28.33 -0.65
CA LYS E 156 3.28 -27.99 -1.99
C LYS E 156 4.47 -28.26 -2.88
N THR E 157 4.17 -28.73 -4.09
CA THR E 157 5.24 -29.01 -5.02
C THR E 157 4.96 -28.47 -6.39
N VAL E 158 6.01 -27.91 -6.96
CA VAL E 158 5.94 -27.33 -8.28
C VAL E 158 6.97 -28.03 -9.11
N PRO E 159 6.82 -27.87 -10.43
CA PRO E 159 7.71 -28.51 -11.41
C PRO E 159 9.17 -28.06 -11.34
N GLY E 160 9.41 -26.81 -11.75
CA GLY E 160 10.76 -26.30 -11.77
C GLY E 160 11.15 -25.40 -10.60
N ILE E 161 12.46 -25.22 -10.43
CA ILE E 161 13.02 -24.37 -9.38
C ILE E 161 12.46 -22.94 -9.56
N LYS E 162 12.28 -22.57 -10.83
CA LYS E 162 11.72 -21.28 -11.22
C LYS E 162 10.43 -21.01 -10.48
N ASP E 163 9.89 -22.06 -9.87
CA ASP E 163 8.60 -21.93 -9.22
C ASP E 163 8.57 -21.79 -7.70
N LEU E 164 9.67 -22.17 -7.04
CA LEU E 164 9.73 -22.06 -5.58
C LEU E 164 9.24 -20.69 -5.07
N PRO E 165 9.81 -19.58 -5.58
CA PRO E 165 9.43 -18.24 -5.14
C PRO E 165 7.95 -18.06 -4.94
N VAL E 166 7.21 -17.93 -6.03
CA VAL E 166 5.77 -17.69 -5.94
C VAL E 166 5.19 -18.63 -4.96
N ALA E 167 5.63 -19.88 -5.08
CA ALA E 167 5.19 -20.97 -4.22
C ALA E 167 5.36 -20.62 -2.74
N CYS E 168 6.60 -20.38 -2.34
CA CYS E 168 6.88 -20.03 -0.95
C CYS E 168 6.08 -18.79 -0.53
N LYS E 169 6.20 -17.72 -1.32
CA LYS E 169 5.51 -16.48 -1.01
C LYS E 169 4.02 -16.74 -0.72
N LYS E 170 3.44 -17.68 -1.45
CA LYS E 170 2.03 -18.02 -1.26
C LYS E 170 1.76 -18.66 0.10
N LEU E 171 2.54 -19.70 0.41
CA LEU E 171 2.38 -20.39 1.69
C LEU E 171 2.54 -19.39 2.82
N LEU E 172 3.56 -18.54 2.70
CA LEU E 172 3.81 -17.54 3.70
C LEU E 172 2.61 -16.63 3.92
N GLU E 173 2.09 -16.05 2.83
CA GLU E 173 0.95 -15.15 2.94
C GLU E 173 -0.40 -15.86 2.99
N GLU E 174 -0.77 -16.51 1.91
CA GLU E 174 -2.06 -17.19 1.84
C GLU E 174 -2.21 -18.39 2.79
N GLU E 175 -1.12 -19.12 3.07
CA GLU E 175 -1.19 -20.31 3.94
C GLU E 175 -0.68 -20.18 5.38
N GLY E 176 -0.63 -18.95 5.88
CA GLY E 176 -0.19 -18.73 7.25
C GLY E 176 1.05 -19.49 7.75
N CYS E 177 1.95 -19.86 6.86
CA CYS E 177 3.18 -20.51 7.30
C CYS E 177 4.11 -19.49 7.96
N ASP E 178 4.77 -19.90 9.04
CA ASP E 178 5.66 -18.98 9.73
C ASP E 178 7.04 -19.01 9.14
N ILE E 179 7.34 -20.11 8.48
CA ILE E 179 8.62 -20.23 7.83
C ILE E 179 8.41 -21.21 6.71
N VAL E 180 9.34 -21.24 5.78
CA VAL E 180 9.22 -22.11 4.64
C VAL E 180 10.58 -22.63 4.25
N MET E 181 10.57 -23.84 3.72
CA MET E 181 11.78 -24.48 3.24
C MET E 181 11.54 -24.68 1.76
N ALA E 182 12.53 -24.25 0.98
CA ALA E 182 12.45 -24.39 -0.46
C ALA E 182 13.56 -25.34 -0.83
N LEU E 183 13.15 -26.55 -1.21
CA LEU E 183 14.07 -27.64 -1.58
C LEU E 183 14.26 -27.73 -3.08
N GLY E 184 15.50 -27.52 -3.52
CA GLY E 184 15.79 -27.56 -4.93
C GLY E 184 17.06 -28.25 -5.33
N MET E 185 17.08 -28.69 -6.59
CA MET E 185 18.22 -29.40 -7.13
C MET E 185 18.61 -28.80 -8.46
N PRO E 186 19.28 -27.64 -8.42
CA PRO E 186 19.67 -27.04 -9.69
C PRO E 186 20.60 -28.00 -10.43
N GLY E 187 20.45 -28.00 -11.76
CA GLY E 187 21.24 -28.88 -12.59
C GLY E 187 22.74 -28.59 -12.58
N LYS E 188 23.44 -29.32 -13.45
CA LYS E 188 24.90 -29.19 -13.61
C LYS E 188 25.23 -28.17 -14.75
N ALA E 189 24.35 -28.07 -15.75
CA ALA E 189 24.55 -27.18 -16.90
C ALA E 189 24.64 -25.73 -16.44
N GLU E 190 25.32 -24.88 -17.21
CA GLU E 190 25.42 -23.46 -16.85
C GLU E 190 24.08 -22.77 -17.12
N LYS E 191 23.22 -23.44 -17.88
CA LYS E 191 21.86 -22.93 -18.17
C LYS E 191 21.08 -23.08 -16.86
N ASP E 192 21.39 -24.16 -16.15
CA ASP E 192 20.76 -24.48 -14.88
C ASP E 192 21.23 -23.47 -13.83
N LYS E 193 22.54 -23.20 -13.82
CA LYS E 193 23.12 -22.26 -12.86
C LYS E 193 22.32 -20.97 -12.81
N VAL E 194 22.15 -20.34 -13.96
CA VAL E 194 21.50 -19.02 -14.04
C VAL E 194 20.10 -19.07 -13.46
N CYS E 195 19.37 -20.14 -13.73
CA CYS E 195 18.02 -20.31 -13.21
C CYS E 195 18.03 -20.47 -11.70
N ALA E 196 19.09 -21.11 -11.19
CA ALA E 196 19.26 -21.33 -9.74
C ALA E 196 19.48 -20.02 -9.01
N HIS E 197 20.43 -19.22 -9.52
CA HIS E 197 20.73 -17.92 -8.93
C HIS E 197 19.46 -17.06 -8.94
N GLU E 198 18.92 -16.88 -10.14
CA GLU E 198 17.71 -16.11 -10.34
C GLU E 198 16.63 -16.56 -9.38
N ALA E 199 16.55 -17.86 -9.20
CA ALA E 199 15.56 -18.45 -8.33
C ALA E 199 15.81 -17.97 -6.93
N SER E 200 17.01 -18.30 -6.44
CA SER E 200 17.46 -17.93 -5.11
C SER E 200 17.04 -16.48 -4.84
N LEU E 201 17.41 -15.62 -5.78
CA LEU E 201 17.13 -14.19 -5.73
C LEU E 201 15.66 -13.85 -5.52
N GLY E 202 14.78 -14.66 -6.07
CA GLY E 202 13.36 -14.41 -5.92
C GLY E 202 13.02 -14.68 -4.48
N LEU E 203 13.62 -15.75 -3.94
CA LEU E 203 13.42 -16.18 -2.55
C LEU E 203 13.82 -15.04 -1.61
N MET E 204 14.89 -14.34 -2.00
CA MET E 204 15.37 -13.18 -1.27
C MET E 204 14.19 -12.25 -1.08
N LEU E 205 13.69 -11.76 -2.22
CA LEU E 205 12.55 -10.85 -2.31
C LEU E 205 11.37 -11.38 -1.56
N ALA E 206 11.00 -12.61 -1.87
CA ALA E 206 9.88 -13.23 -1.21
C ALA E 206 9.96 -12.98 0.32
N GLN E 207 11.11 -13.32 0.90
CA GLN E 207 11.33 -13.15 2.33
C GLN E 207 11.14 -11.69 2.76
N LEU E 208 11.79 -10.79 2.04
CA LEU E 208 11.73 -9.38 2.33
C LEU E 208 10.32 -8.83 2.23
N MET E 209 9.55 -9.30 1.25
CA MET E 209 8.18 -8.82 1.09
C MET E 209 7.29 -9.32 2.22
N THR E 210 7.66 -10.48 2.77
CA THR E 210 6.89 -11.13 3.82
C THR E 210 7.43 -10.98 5.22
N ASN E 211 8.70 -10.68 5.36
CA ASN E 211 9.28 -10.55 6.68
C ASN E 211 9.22 -11.90 7.40
N LYS E 212 9.40 -12.96 6.64
CA LYS E 212 9.42 -14.34 7.18
C LYS E 212 10.56 -15.03 6.53
N HIS E 213 11.14 -16.03 7.18
CA HIS E 213 12.26 -16.72 6.55
C HIS E 213 11.83 -17.81 5.58
N ILE E 214 12.65 -18.03 4.57
CA ILE E 214 12.44 -19.09 3.61
C ILE E 214 13.79 -19.73 3.64
N ILE E 215 13.89 -20.89 4.26
CA ILE E 215 15.19 -21.54 4.31
C ILE E 215 15.45 -22.27 3.01
N GLU E 216 16.42 -21.71 2.30
CA GLU E 216 16.83 -22.24 1.03
C GLU E 216 17.75 -23.41 1.25
N VAL E 217 17.52 -24.42 0.43
CA VAL E 217 18.30 -25.67 0.47
C VAL E 217 18.39 -26.19 -0.95
N PHE E 218 19.42 -25.71 -1.64
CA PHE E 218 19.70 -26.08 -3.01
C PHE E 218 20.94 -26.97 -3.08
N VAL E 219 20.80 -28.09 -3.78
CA VAL E 219 21.89 -29.03 -3.96
C VAL E 219 22.14 -29.26 -5.45
N HIS E 220 23.22 -28.66 -5.95
CA HIS E 220 23.59 -28.78 -7.33
C HIS E 220 24.04 -30.22 -7.57
N GLU E 221 23.55 -30.81 -8.66
CA GLU E 221 23.93 -32.18 -9.01
C GLU E 221 25.45 -32.39 -9.04
N ASP E 222 26.16 -31.35 -9.47
CA ASP E 222 27.61 -31.35 -9.58
C ASP E 222 28.41 -31.25 -8.24
N GLU E 223 27.73 -30.92 -7.15
CA GLU E 223 28.41 -30.84 -5.86
C GLU E 223 28.91 -32.23 -5.43
N ALA E 224 28.17 -33.26 -5.84
CA ALA E 224 28.49 -34.67 -5.54
C ALA E 224 28.87 -35.39 -6.81
N LYS E 225 29.86 -36.28 -6.72
CA LYS E 225 30.38 -37.04 -7.87
C LYS E 225 29.44 -38.07 -8.54
N ASP E 226 28.64 -38.76 -7.75
CA ASP E 226 27.76 -39.82 -8.28
C ASP E 226 26.38 -39.81 -7.65
N ASP E 227 25.52 -40.72 -8.09
CA ASP E 227 24.15 -40.85 -7.56
C ASP E 227 24.11 -41.23 -6.07
N LYS E 228 25.05 -42.06 -5.62
CA LYS E 228 25.10 -42.49 -4.23
C LYS E 228 25.34 -41.27 -3.33
N GLU E 229 26.34 -40.45 -3.69
CA GLU E 229 26.67 -39.24 -2.92
C GLU E 229 25.56 -38.20 -3.08
N LEU E 230 25.17 -37.92 -4.32
CA LEU E 230 24.11 -36.94 -4.58
C LEU E 230 22.97 -37.23 -3.64
N ASP E 231 22.49 -38.47 -3.63
CA ASP E 231 21.38 -38.83 -2.75
C ASP E 231 21.74 -38.71 -1.29
N TRP E 232 22.95 -39.11 -0.90
CA TRP E 232 23.36 -39.01 0.50
C TRP E 232 23.50 -37.55 0.94
N LEU E 233 24.30 -36.80 0.17
CA LEU E 233 24.55 -35.38 0.47
C LEU E 233 23.25 -34.56 0.61
N ALA E 234 22.36 -34.68 -0.37
CA ALA E 234 21.10 -33.95 -0.34
C ALA E 234 20.33 -34.21 0.95
N LYS E 235 20.16 -35.48 1.29
CA LYS E 235 19.42 -35.86 2.49
C LYS E 235 20.06 -35.34 3.78
N ARG E 236 21.39 -35.32 3.85
CA ARG E 236 22.09 -34.82 5.05
C ARG E 236 21.78 -33.34 5.26
N ARG E 237 21.98 -32.54 4.21
CA ARG E 237 21.69 -31.11 4.30
C ARG E 237 20.24 -30.85 4.64
N ALA E 238 19.31 -31.48 3.90
CA ALA E 238 17.87 -31.33 4.15
C ALA E 238 17.61 -31.50 5.65
N GLU E 239 18.30 -32.47 6.22
CA GLU E 239 18.21 -32.77 7.65
C GLU E 239 18.75 -31.57 8.43
N GLU E 240 20.00 -31.19 8.13
CA GLU E 240 20.68 -30.08 8.80
C GLU E 240 19.88 -28.76 8.78
N HIS E 241 19.32 -28.39 7.61
CA HIS E 241 18.52 -27.17 7.51
C HIS E 241 17.22 -27.30 8.27
N ALA E 242 16.64 -28.50 8.22
CA ALA E 242 15.40 -28.75 8.94
C ALA E 242 15.64 -28.45 10.43
N GLU E 243 16.86 -28.72 10.93
CA GLU E 243 17.21 -28.46 12.33
C GLU E 243 17.19 -26.96 12.61
N ASN E 244 17.66 -26.19 11.63
CA ASN E 244 17.71 -24.74 11.72
C ASN E 244 16.32 -24.16 11.77
N VAL E 245 15.43 -24.68 10.92
CA VAL E 245 14.04 -24.26 10.92
C VAL E 245 13.53 -24.40 12.34
N TYR E 246 13.93 -25.51 12.98
CA TYR E 246 13.56 -25.81 14.35
C TYR E 246 14.10 -24.70 15.24
N TYR E 247 15.41 -24.50 15.17
CA TYR E 247 16.10 -23.49 15.96
C TYR E 247 15.57 -22.07 15.81
N LEU E 248 15.64 -21.52 14.59
CA LEU E 248 15.15 -20.16 14.36
C LEU E 248 13.74 -20.09 14.93
N LEU E 249 13.00 -21.16 14.70
CA LEU E 249 11.61 -21.25 15.10
C LEU E 249 11.30 -21.40 16.58
N PHE E 250 12.10 -22.17 17.31
CA PHE E 250 11.84 -22.44 18.74
C PHE E 250 12.86 -22.00 19.77
N LYS E 251 14.11 -22.39 19.56
CA LYS E 251 15.20 -22.06 20.49
C LYS E 251 16.23 -21.17 19.79
N PRO E 252 15.81 -19.92 19.46
CA PRO E 252 16.65 -18.96 18.78
C PRO E 252 17.81 -18.53 19.68
N GLU E 253 17.63 -18.66 21.00
CA GLU E 253 18.68 -18.31 21.97
C GLU E 253 19.91 -19.13 21.66
N TYR E 254 19.64 -20.40 21.37
CA TYR E 254 20.65 -21.38 21.03
C TYR E 254 21.60 -20.85 19.97
N LEU E 255 21.02 -20.41 18.86
CA LEU E 255 21.80 -19.90 17.73
C LEU E 255 22.80 -18.82 18.13
N THR E 256 22.35 -17.85 18.95
CA THR E 256 23.23 -16.78 19.39
C THR E 256 24.41 -17.34 20.18
N ARG E 257 24.16 -18.43 20.90
CA ARG E 257 25.19 -19.10 21.69
C ARG E 257 26.22 -19.63 20.72
N MET E 258 25.72 -20.03 19.57
CA MET E 258 26.54 -20.59 18.51
C MET E 258 27.09 -19.49 17.60
N ALA E 259 26.77 -18.25 17.94
CA ALA E 259 27.21 -17.09 17.17
C ALA E 259 28.72 -16.98 17.00
N GLY E 260 29.14 -16.79 15.76
CA GLY E 260 30.55 -16.65 15.43
C GLY E 260 31.36 -17.82 15.93
N LYS E 261 30.72 -18.99 16.01
CA LYS E 261 31.37 -20.22 16.49
C LYS E 261 31.82 -21.13 15.35
N GLY E 262 31.83 -20.56 14.15
CA GLY E 262 32.27 -21.27 12.97
C GLY E 262 31.66 -22.62 12.59
N LEU E 263 30.36 -22.79 12.81
CA LEU E 263 29.69 -24.01 12.40
C LEU E 263 29.76 -23.89 10.89
N ARG E 264 30.54 -24.74 10.23
CA ARG E 264 30.67 -24.60 8.78
C ARG E 264 30.23 -25.82 7.97
#